data_4YKN
#
_entry.id   4YKN
#
_cell.length_a   84.667
_cell.length_b   118.191
_cell.length_c   190.281
_cell.angle_alpha   90.00
_cell.angle_beta   90.00
_cell.angle_gamma   90.00
#
_symmetry.space_group_name_H-M   'P 21 21 21'
#
loop_
_entity.id
_entity.type
_entity.pdbx_description
1 polymer 'Phosphatidylinositol 3-kinase regulatory subunit alpha,Phosphatidylinositol 4,5-bisphosphate 3-kinase catalytic subunit alpha isoform fusion protein'
2 non-polymer '3-(6-methoxypyridin-3-yl)-5-[({4-[(5-methyl-1,3,4-thiadiazol-2-yl)sulfamoyl]phenyl}amino)methyl]benzoic acid'
3 water water
#
_entity_poly.entity_id   1
_entity_poly.type   'polypeptide(L)'
_entity_poly.pdbx_seq_one_letter_code
;MHHHHHHANNGMNNNMSLQDAEWYWGDISREEVNEKLRDTADGTFLVRDASTKMHGDYTLTLRKGGNNKLIKIFHRDGKY
GFSDPLTFSSVVELINHYRNESLAQYNPKLDVKLLYPVSKYQQDQVVKEDNIEAVGKKLHEYNTQFQEKSREYDRLYEEY
TRTSQEIQMKRTAIEAFNETIKIFEEQCQTQERYSKEYIEKFKREGNEKEIQRIMHNYDKLKSRISEIIDSRRRLEEDLK
KQAAEYREIDKRMNSIKPDLIQLRKTRDQYLMWLTQKGVRQKKLNEWLGNENTEDQYSLVEDDEDGSPGISGGGGGPPRP
SSGELWGIHLMPPRILVECLLPNGMIVTLECLREATLITIKHELFKEARKYPLHQLLQDESSYIFVSVTQEAEREEFFDE
TRRLCDLRLFQPFLKVIEPVGNREEKILNREIGFAIGMPVCEFDMVKDPEVQDFRRNILNVCKEAVDLRDLNSPHSRAMY
VYPPNVESSPELPKHIYNKLDKGQIIVVIWVIVSPNNDKQKYTLKINHDCVPEQVIAEAIRKKTRSMLLSSEQLKLCVLE
YQGKYILKVCGCDEYFLEKYPLSQYKYIRSCIMLGRMPNLMLMAKESLYSQLPMDCFTMPSYSRRISTATPYMNGETSTK
SLWVINSALRIKILCATYVNVNIRDIDKIYVRTGIYHGGEPLCDNVNTQRVPCSNPRWNEWLNYDIYIPDLPRAARLCLS
ICSVKGRKGAKEEHCPLAWGNINLFDYTDTLVSGKMALNLWPVPHGLEDLLNPIGVTGSNPNKETPCLELEFDWFSSVVK
FPDMSVIEEHANWSVSREAGFSYSHAGLSNRLARDNELRENDKEQLKAISTRDPLSEITEQEKDFLWSHRHYCVTIPEIL
PKLLLSVKWNSRDEVAQMYCLVKDWPPIKPEQAMELLDCNYPDPMVRGFAVRCLEKYLTDDKLSQYLIQLVQVLKYEQYL
DNLLVRFLLKKALTNQRIGHFFFWHLKSEMHNKTVSQRFGLLLESYCRACGMYLKHLNRQVEAMEKLINLTDILKQEKKD
ETQKVQMKFLVEQMRRPDFMDALQGFLSPLNPAHQLGNLRLEECRIMSSAKRPLWLNWENPDIMSELLFQNNEIIFKNGD
DLRQDMLTLQIIRIMENIWQNQGLDLRMLPYGCLSIGDCVGLIEVVRNSHTIMQIQCKGGLKGALQFNSHTLHQWLKDKN
KGEIYDAAIDLFTRSCAGYCVATFILGIGDRHNSNIMVKDDGQLFHIDFGHFLDHKKKKFGYKRERVPFVLTQDFLIVIS
KGAQECTKTREFERFQEMCYKAYLAIRQHANLFINLFSMMLGSGMPELQSFDDIAYIRKTLALDKTEQEALEYFMKQMND
AHHGGWTTKMDWIFHTIKQHALN
;
_entity_poly.pdbx_strand_id   A
#
loop_
_chem_comp.id
_chem_comp.type
_chem_comp.name
_chem_comp.formula
4EL non-polymer '3-(6-methoxypyridin-3-yl)-5-[({4-[(5-methyl-1,3,4-thiadiazol-2-yl)sulfamoyl]phenyl}amino)methyl]benzoic acid' 'C23 H21 N5 O5 S2'
#
# COMPACT_ATOMS: atom_id res chain seq x y z
N ALA A 21 12.13 -44.84 -15.00
CA ALA A 21 12.45 -44.88 -13.58
C ALA A 21 11.34 -44.26 -12.75
N GLU A 22 11.23 -44.69 -11.49
CA GLU A 22 10.10 -44.27 -10.66
C GLU A 22 10.21 -42.81 -10.24
N TRP A 23 11.43 -42.32 -10.02
CA TRP A 23 11.66 -40.96 -9.55
C TRP A 23 11.93 -39.97 -10.68
N TYR A 24 11.90 -40.40 -11.94
CA TYR A 24 12.13 -39.51 -13.07
C TYR A 24 10.78 -38.96 -13.54
N TRP A 25 10.57 -37.67 -13.34
CA TRP A 25 9.31 -37.01 -13.64
C TRP A 25 9.30 -36.32 -14.99
N GLY A 26 10.37 -36.41 -15.77
CA GLY A 26 10.39 -35.77 -17.08
C GLY A 26 10.43 -34.27 -16.95
N ASP A 27 9.51 -33.59 -17.62
CA ASP A 27 9.42 -32.13 -17.61
C ASP A 27 8.30 -31.72 -16.68
N ILE A 28 8.65 -31.12 -15.55
CA ILE A 28 7.69 -30.57 -14.60
C ILE A 28 8.25 -29.26 -14.08
N SER A 29 7.35 -28.35 -13.71
CA SER A 29 7.76 -27.02 -13.30
C SER A 29 8.42 -27.05 -11.93
N ARG A 30 9.23 -26.02 -11.66
CA ARG A 30 9.82 -25.86 -10.35
C ARG A 30 8.75 -25.74 -9.27
N GLU A 31 7.65 -25.05 -9.58
CA GLU A 31 6.59 -24.88 -8.61
C GLU A 31 5.98 -26.22 -8.21
N GLU A 32 5.89 -27.16 -9.16
CA GLU A 32 5.36 -28.47 -8.85
C GLU A 32 6.34 -29.31 -8.03
N VAL A 33 7.64 -29.08 -8.21
CA VAL A 33 8.64 -29.82 -7.43
C VAL A 33 8.62 -29.37 -5.98
N ASN A 34 8.46 -28.06 -5.74
CA ASN A 34 8.38 -27.57 -4.37
C ASN A 34 7.14 -28.10 -3.66
N GLU A 35 6.05 -28.33 -4.40
CA GLU A 35 4.84 -28.85 -3.79
C GLU A 35 5.02 -30.28 -3.32
N LYS A 36 5.83 -31.08 -4.03
CA LYS A 36 6.03 -32.47 -3.67
C LYS A 36 7.01 -32.64 -2.51
N LEU A 37 7.96 -31.71 -2.35
CA LEU A 37 8.94 -31.77 -1.28
C LEU A 37 8.54 -30.94 -0.06
N ARG A 38 7.37 -30.31 -0.08
CA ARG A 38 6.99 -29.42 1.01
C ARG A 38 6.83 -30.19 2.32
N ASP A 39 7.53 -29.72 3.35
CA ASP A 39 7.41 -30.27 4.70
C ASP A 39 7.73 -31.76 4.75
N THR A 40 8.69 -32.19 3.92
CA THR A 40 9.10 -33.58 3.89
C THR A 40 10.38 -33.77 4.72
N ALA A 41 10.80 -35.03 4.82
CA ALA A 41 12.00 -35.37 5.56
C ALA A 41 13.25 -35.13 4.73
N ASP A 42 14.37 -34.88 5.41
CA ASP A 42 15.65 -34.83 4.72
C ASP A 42 15.91 -36.16 4.03
N GLY A 43 16.42 -36.08 2.79
CA GLY A 43 16.69 -37.24 1.97
C GLY A 43 15.71 -37.44 0.82
N THR A 44 14.62 -36.69 0.79
CA THR A 44 13.63 -36.84 -0.28
C THR A 44 14.18 -36.21 -1.56
N PHE A 45 13.93 -36.88 -2.69
CA PHE A 45 14.53 -36.46 -3.95
C PHE A 45 13.66 -36.85 -5.13
N LEU A 46 13.93 -36.20 -6.27
CA LEU A 46 13.42 -36.62 -7.57
C LEU A 46 14.37 -36.08 -8.62
N VAL A 47 14.07 -36.37 -9.89
CA VAL A 47 14.92 -35.95 -11.01
C VAL A 47 14.03 -35.44 -12.13
N ARG A 48 14.50 -34.41 -12.84
CA ARG A 48 13.77 -33.85 -13.96
C ARG A 48 14.76 -33.22 -14.93
N ASP A 49 14.28 -32.97 -16.15
CA ASP A 49 15.12 -32.36 -17.18
C ASP A 49 15.34 -30.87 -16.91
N TYR A 58 20.78 -33.26 -16.63
CA TYR A 58 19.56 -33.39 -15.84
C TYR A 58 19.67 -32.64 -14.51
N THR A 59 18.59 -32.65 -13.73
CA THR A 59 18.48 -31.87 -12.52
C THR A 59 18.03 -32.76 -11.36
N LEU A 60 18.86 -32.85 -10.33
CA LEU A 60 18.52 -33.59 -9.11
C LEU A 60 18.13 -32.60 -8.02
N THR A 61 16.88 -32.68 -7.57
CA THR A 61 16.39 -31.86 -6.47
C THR A 61 16.38 -32.70 -5.21
N LEU A 62 17.08 -32.22 -4.17
CA LEU A 62 17.26 -32.95 -2.92
C LEU A 62 16.78 -32.10 -1.75
N ARG A 63 16.14 -32.76 -0.78
CA ARG A 63 15.66 -32.11 0.44
C ARG A 63 16.70 -32.28 1.53
N LYS A 64 17.28 -31.16 1.98
CA LYS A 64 18.26 -31.18 3.07
C LYS A 64 18.08 -29.94 3.93
N GLY A 65 18.12 -30.13 5.24
CA GLY A 65 18.11 -29.01 6.17
C GLY A 65 16.89 -28.12 6.06
N GLY A 66 15.75 -28.67 5.64
CA GLY A 66 14.53 -27.90 5.50
C GLY A 66 14.37 -27.21 4.17
N ASN A 67 15.43 -27.11 3.37
CA ASN A 67 15.36 -26.51 2.04
C ASN A 67 15.38 -27.60 0.97
N ASN A 68 15.25 -27.16 -0.28
CA ASN A 68 15.33 -28.03 -1.45
C ASN A 68 16.58 -27.62 -2.23
N LYS A 69 17.59 -28.49 -2.24
CA LYS A 69 18.85 -28.22 -2.89
C LYS A 69 18.83 -28.76 -4.31
N LEU A 70 19.45 -28.01 -5.23
CA LEU A 70 19.40 -28.30 -6.67
C LEU A 70 20.79 -28.70 -7.14
N ILE A 71 20.95 -29.96 -7.52
CA ILE A 71 22.22 -30.52 -7.95
C ILE A 71 22.11 -30.85 -9.44
N LYS A 72 22.86 -30.14 -10.27
CA LYS A 72 22.82 -30.34 -11.71
C LYS A 72 23.56 -31.62 -12.09
N ILE A 73 23.19 -32.18 -13.24
CA ILE A 73 23.82 -33.36 -13.81
C ILE A 73 24.07 -33.10 -15.29
N PHE A 74 25.31 -33.24 -15.73
CA PHE A 74 25.72 -32.89 -17.09
C PHE A 74 25.81 -34.15 -17.94
N HIS A 75 25.45 -34.03 -19.21
CA HIS A 75 25.54 -35.14 -20.15
C HIS A 75 26.89 -35.19 -20.83
N TYR A 80 27.63 -39.10 -17.49
CA TYR A 80 26.81 -38.26 -16.63
C TYR A 80 27.46 -38.13 -15.25
N GLY A 81 27.34 -36.96 -14.63
CA GLY A 81 27.96 -36.75 -13.33
C GLY A 81 27.65 -35.37 -12.78
N PHE A 82 27.96 -35.21 -11.49
CA PHE A 82 27.72 -33.95 -10.79
C PHE A 82 28.79 -32.91 -11.10
N SER A 83 30.05 -33.34 -11.23
CA SER A 83 31.13 -32.44 -11.58
C SER A 83 32.25 -33.27 -12.20
N ASP A 84 33.12 -32.58 -12.94
CA ASP A 84 34.21 -33.27 -13.61
C ASP A 84 35.15 -33.91 -12.60
N PRO A 85 35.63 -35.15 -12.89
CA PRO A 85 35.31 -35.96 -14.07
C PRO A 85 33.94 -36.63 -13.96
N LEU A 86 33.34 -36.94 -15.11
CA LEU A 86 32.03 -37.59 -15.14
C LEU A 86 32.24 -39.10 -15.14
N THR A 87 31.74 -39.77 -14.10
CA THR A 87 31.81 -41.22 -14.01
C THR A 87 30.52 -41.86 -14.52
N VAL A 91 21.70 -40.30 -14.99
CA VAL A 91 21.60 -41.73 -15.31
C VAL A 91 21.14 -42.48 -14.06
N VAL A 92 20.67 -43.72 -14.27
CA VAL A 92 20.21 -44.53 -13.15
C VAL A 92 21.40 -45.02 -12.33
N GLU A 93 22.57 -45.16 -12.96
CA GLU A 93 23.74 -45.72 -12.28
C GLU A 93 24.11 -44.89 -11.06
N LEU A 94 24.33 -43.59 -11.24
CA LEU A 94 24.83 -42.76 -10.14
C LEU A 94 23.78 -42.47 -9.08
N ILE A 95 22.49 -42.58 -9.42
CA ILE A 95 21.44 -42.33 -8.44
C ILE A 95 21.40 -43.45 -7.41
N ASN A 96 21.62 -44.70 -7.84
CA ASN A 96 21.63 -45.81 -6.91
C ASN A 96 22.89 -45.81 -6.04
N HIS A 97 24.02 -45.38 -6.61
CA HIS A 97 25.26 -45.33 -5.84
C HIS A 97 25.14 -44.42 -4.64
N TYR A 98 24.43 -43.31 -4.78
CA TYR A 98 24.25 -42.35 -3.70
C TYR A 98 23.04 -42.66 -2.83
N ARG A 99 22.24 -43.67 -3.19
CA ARG A 99 21.29 -44.24 -2.25
C ARG A 99 21.99 -45.20 -1.28
N ASN A 100 23.07 -45.83 -1.72
CA ASN A 100 23.90 -46.75 -0.94
C ASN A 100 23.24 -47.34 0.32
N LYS A 109 29.35 -31.24 2.48
CA LYS A 109 28.27 -30.35 2.89
C LYS A 109 26.98 -31.14 3.13
N LEU A 110 26.41 -31.67 2.06
CA LEU A 110 25.24 -32.53 2.17
C LEU A 110 25.65 -33.86 2.77
N ASP A 111 24.99 -34.26 3.86
CA ASP A 111 25.46 -35.39 4.67
C ASP A 111 24.94 -36.72 4.13
N VAL A 112 23.65 -36.98 4.29
CA VAL A 112 23.00 -38.19 3.80
C VAL A 112 21.85 -37.78 2.90
N LYS A 113 21.45 -38.68 2.02
CA LYS A 113 20.42 -38.35 1.05
C LYS A 113 19.96 -39.62 0.34
N LEU A 114 19.04 -39.44 -0.61
CA LEU A 114 18.55 -40.50 -1.49
C LEU A 114 17.79 -41.59 -0.75
N LEU A 115 17.20 -41.27 0.40
CA LEU A 115 16.44 -42.28 1.15
C LEU A 115 15.05 -42.49 0.55
N TYR A 116 14.32 -41.40 0.31
CA TYR A 116 12.92 -41.50 -0.14
C TYR A 116 12.77 -40.91 -1.54
N PRO A 117 12.56 -41.70 -2.58
CA PRO A 117 12.17 -41.14 -3.87
C PRO A 117 10.70 -40.77 -3.91
N VAL A 118 10.38 -39.86 -4.81
CA VAL A 118 9.00 -39.42 -5.02
C VAL A 118 8.40 -40.16 -6.22
N TYR A 142 -16.57 -35.79 -8.98
CA TYR A 142 -15.84 -35.24 -7.85
C TYR A 142 -15.71 -33.73 -7.95
N ASN A 143 -15.77 -33.21 -9.18
CA ASN A 143 -15.66 -31.77 -9.39
C ASN A 143 -16.86 -31.03 -8.81
N THR A 144 -18.02 -31.70 -8.70
CA THR A 144 -19.18 -31.07 -8.10
C THR A 144 -19.00 -30.89 -6.60
N GLN A 145 -18.20 -31.77 -5.96
CA GLN A 145 -17.98 -31.68 -4.52
C GLN A 145 -17.02 -30.56 -4.15
N PHE A 146 -16.03 -30.29 -5.01
CA PHE A 146 -15.12 -29.18 -4.74
C PHE A 146 -15.82 -27.84 -4.88
N GLN A 147 -16.74 -27.73 -5.84
CA GLN A 147 -17.52 -26.50 -5.98
C GLN A 147 -18.54 -26.36 -4.86
N GLU A 148 -19.04 -27.49 -4.33
CA GLU A 148 -19.98 -27.43 -3.22
C GLU A 148 -19.28 -27.02 -1.92
N LYS A 149 -18.08 -27.54 -1.68
CA LYS A 149 -17.33 -27.18 -0.50
C LYS A 149 -16.73 -25.77 -0.60
N SER A 150 -16.37 -25.35 -1.82
CA SER A 150 -15.73 -24.05 -2.00
C SER A 150 -16.74 -22.91 -1.86
N ARG A 151 -17.94 -23.08 -2.41
CA ARG A 151 -18.96 -22.06 -2.27
C ARG A 151 -19.38 -21.89 -0.81
N GLU A 152 -19.48 -23.00 -0.07
CA GLU A 152 -19.79 -22.91 1.35
C GLU A 152 -18.69 -22.20 2.11
N TYR A 153 -17.43 -22.48 1.78
CA TYR A 153 -16.33 -21.84 2.48
C TYR A 153 -16.33 -20.34 2.28
N ASP A 154 -16.64 -19.89 1.06
CA ASP A 154 -16.66 -18.45 0.79
C ASP A 154 -17.84 -17.78 1.48
N ARG A 155 -18.92 -18.51 1.72
CA ARG A 155 -20.03 -17.96 2.50
C ARG A 155 -19.65 -17.78 3.96
N LEU A 156 -18.92 -18.76 4.53
CA LEU A 156 -18.47 -18.63 5.90
C LEU A 156 -17.47 -17.50 6.05
N TYR A 157 -16.60 -17.31 5.06
CA TYR A 157 -15.61 -16.23 5.12
C TYR A 157 -16.29 -14.86 5.11
N GLU A 158 -17.40 -14.73 4.39
CA GLU A 158 -18.14 -13.48 4.42
C GLU A 158 -18.70 -13.20 5.81
N GLU A 159 -19.32 -14.21 6.43
CA GLU A 159 -19.83 -14.04 7.79
C GLU A 159 -18.69 -13.95 8.80
N TYR A 160 -17.53 -14.53 8.48
CA TYR A 160 -16.39 -14.48 9.38
C TYR A 160 -15.84 -13.05 9.49
N THR A 161 -15.69 -12.37 8.34
CA THR A 161 -15.14 -11.02 8.35
C THR A 161 -16.17 -10.00 8.85
N ARG A 162 -17.44 -10.16 8.48
CA ARG A 162 -18.47 -9.28 8.98
C ARG A 162 -18.56 -9.37 10.50
N THR A 163 -18.55 -10.59 11.04
CA THR A 163 -18.59 -10.77 12.48
C THR A 163 -17.32 -10.20 13.14
N SER A 164 -16.17 -10.43 12.51
CA SER A 164 -14.92 -9.91 13.06
C SER A 164 -14.95 -8.38 13.12
N GLN A 165 -15.49 -7.74 12.09
CA GLN A 165 -15.55 -6.28 12.07
C GLN A 165 -16.55 -5.75 13.08
N GLU A 166 -17.73 -6.37 13.15
CA GLU A 166 -18.74 -5.92 14.10
C GLU A 166 -18.26 -6.09 15.55
N ILE A 167 -17.42 -7.10 15.81
CA ILE A 167 -16.89 -7.28 17.16
C ILE A 167 -15.96 -6.13 17.52
N GLN A 168 -15.14 -5.68 16.57
CA GLN A 168 -14.23 -4.58 16.85
C GLN A 168 -14.98 -3.31 17.19
N MET A 169 -16.06 -3.01 16.45
CA MET A 169 -16.84 -1.81 16.72
C MET A 169 -17.47 -1.87 18.11
N LYS A 170 -17.90 -3.06 18.54
CA LYS A 170 -18.47 -3.21 19.86
C LYS A 170 -17.42 -3.01 20.95
N ARG A 171 -16.26 -3.67 20.81
CA ARG A 171 -15.20 -3.50 21.79
C ARG A 171 -14.82 -2.02 21.94
N THR A 172 -14.80 -1.28 20.82
CA THR A 172 -14.55 0.15 20.89
C THR A 172 -15.68 0.86 21.62
N ALA A 173 -16.93 0.48 21.34
CA ALA A 173 -18.06 1.11 22.00
C ALA A 173 -18.07 0.82 23.50
N ILE A 174 -17.63 -0.37 23.91
CA ILE A 174 -17.51 -0.67 25.33
C ILE A 174 -16.50 0.28 25.98
N GLU A 175 -15.39 0.55 25.28
CA GLU A 175 -14.41 1.48 25.82
C GLU A 175 -14.98 2.88 25.94
N ALA A 176 -15.77 3.30 24.94
CA ALA A 176 -16.45 4.59 25.04
C ALA A 176 -17.41 4.61 26.23
N PHE A 177 -18.12 3.50 26.46
CA PHE A 177 -18.97 3.41 27.63
C PHE A 177 -18.16 3.49 28.92
N ASN A 178 -17.00 2.83 28.96
CA ASN A 178 -16.18 2.86 30.17
C ASN A 178 -15.70 4.27 30.49
N GLU A 179 -15.23 5.00 29.48
CA GLU A 179 -14.79 6.37 29.70
C GLU A 179 -15.96 7.26 30.10
N THR A 180 -17.12 7.05 29.49
CA THR A 180 -18.31 7.83 29.84
C THR A 180 -18.70 7.59 31.30
N ILE A 181 -18.78 6.32 31.71
CA ILE A 181 -19.17 6.00 33.07
C ILE A 181 -18.11 6.47 34.06
N LYS A 182 -16.83 6.49 33.66
CA LYS A 182 -15.79 7.01 34.53
C LYS A 182 -16.02 8.50 34.80
N ILE A 183 -16.34 9.26 33.76
CA ILE A 183 -16.62 10.69 33.94
C ILE A 183 -17.85 10.88 34.83
N PHE A 184 -18.90 10.09 34.60
CA PHE A 184 -20.11 10.25 35.39
C PHE A 184 -19.92 9.79 36.82
N GLU A 185 -19.08 8.79 37.06
CA GLU A 185 -18.75 8.40 38.42
C GLU A 185 -17.95 9.49 39.12
N GLU A 186 -17.03 10.14 38.40
CA GLU A 186 -16.37 11.32 38.94
C GLU A 186 -17.40 12.38 39.33
N GLN A 187 -18.43 12.55 38.50
CA GLN A 187 -19.44 13.57 38.78
C GLN A 187 -20.19 13.25 40.06
N CYS A 188 -20.47 11.97 40.31
CA CYS A 188 -21.14 11.59 41.55
C CYS A 188 -20.25 11.85 42.76
N GLN A 189 -18.95 11.58 42.63
CA GLN A 189 -18.03 11.81 43.74
C GLN A 189 -17.96 13.29 44.08
N THR A 190 -17.77 14.15 43.07
CA THR A 190 -17.75 15.58 43.34
C THR A 190 -19.11 16.05 43.85
N GLN A 191 -20.19 15.50 43.31
CA GLN A 191 -21.51 15.84 43.83
C GLN A 191 -21.63 15.45 45.29
N GLU A 192 -21.32 14.18 45.61
CA GLU A 192 -21.37 13.74 47.00
C GLU A 192 -20.43 14.55 47.87
N ARG A 193 -19.36 15.09 47.31
CA ARG A 193 -18.43 15.90 48.09
C ARG A 193 -19.06 17.24 48.46
N TYR A 194 -19.55 17.99 47.47
CA TYR A 194 -20.13 19.30 47.75
C TYR A 194 -21.54 19.18 48.32
N SER A 195 -22.35 18.26 47.80
CA SER A 195 -23.71 18.08 48.32
C SER A 195 -23.68 17.69 49.80
N LYS A 196 -22.63 17.00 50.24
CA LYS A 196 -22.55 16.59 51.64
C LYS A 196 -22.50 17.79 52.57
N GLU A 197 -21.63 18.76 52.27
CA GLU A 197 -21.37 19.84 53.21
C GLU A 197 -22.48 20.89 53.19
N TYR A 198 -23.04 21.19 52.02
CA TYR A 198 -24.06 22.24 51.95
C TYR A 198 -25.42 21.76 52.43
N ILE A 199 -25.73 20.46 52.29
CA ILE A 199 -26.96 19.94 52.85
C ILE A 199 -26.94 20.03 54.36
N GLU A 200 -25.81 19.72 54.98
CA GLU A 200 -25.70 19.84 56.43
C GLU A 200 -25.89 21.28 56.87
N LYS A 201 -25.37 22.23 56.10
CA LYS A 201 -25.59 23.64 56.41
C LYS A 201 -27.06 24.02 56.20
N PHE A 202 -27.65 23.60 55.09
CA PHE A 202 -29.05 23.90 54.83
C PHE A 202 -29.96 23.20 55.83
N LYS A 203 -29.60 21.99 56.26
CA LYS A 203 -30.40 21.29 57.27
C LYS A 203 -30.37 22.04 58.59
N ARG A 204 -29.19 22.50 59.02
CA ARG A 204 -29.09 23.30 60.22
C ARG A 204 -29.97 24.55 60.14
N GLU A 205 -29.98 25.21 58.99
CA GLU A 205 -30.75 26.44 58.81
C GLU A 205 -32.21 26.17 58.46
N GLY A 206 -32.61 24.91 58.34
CA GLY A 206 -33.97 24.58 57.99
C GLY A 206 -34.42 25.16 56.66
N ASN A 207 -33.50 25.30 55.71
CA ASN A 207 -33.86 25.90 54.43
C ASN A 207 -34.82 24.99 53.65
N GLU A 208 -34.40 23.76 53.38
CA GLU A 208 -35.25 22.69 52.87
C GLU A 208 -35.76 22.96 51.46
N LYS A 209 -35.64 24.20 50.97
CA LYS A 209 -35.85 24.47 49.55
C LYS A 209 -34.58 24.15 48.77
N GLU A 210 -33.42 24.53 49.30
CA GLU A 210 -32.16 24.26 48.64
C GLU A 210 -31.76 22.79 48.76
N ILE A 211 -32.17 22.12 49.84
CA ILE A 211 -31.95 20.68 49.94
C ILE A 211 -32.70 19.96 48.82
N GLN A 212 -33.97 20.33 48.64
CA GLN A 212 -34.78 19.70 47.59
C GLN A 212 -34.19 19.95 46.20
N ARG A 213 -33.72 21.18 45.94
CA ARG A 213 -33.14 21.49 44.65
C ARG A 213 -31.87 20.68 44.41
N ILE A 214 -31.03 20.54 45.43
CA ILE A 214 -29.81 19.74 45.29
C ILE A 214 -30.16 18.27 45.05
N MET A 215 -31.01 17.71 45.92
CA MET A 215 -31.39 16.31 45.76
C MET A 215 -32.18 16.09 44.48
N HIS A 216 -32.87 17.13 43.99
CA HIS A 216 -33.56 17.03 42.71
C HIS A 216 -32.57 16.82 41.57
N ASN A 217 -31.45 17.56 41.61
CA ASN A 217 -30.44 17.40 40.57
C ASN A 217 -29.68 16.09 40.73
N TYR A 218 -29.46 15.65 41.97
CA TYR A 218 -28.81 14.37 42.20
C TYR A 218 -29.67 13.21 41.73
N ASP A 219 -30.99 13.33 41.86
CA ASP A 219 -31.89 12.30 41.34
C ASP A 219 -31.71 12.12 39.83
N LYS A 220 -31.58 13.23 39.10
CA LYS A 220 -31.40 13.14 37.66
C LYS A 220 -30.03 12.57 37.31
N LEU A 221 -29.00 12.96 38.06
CA LEU A 221 -27.66 12.43 37.82
C LEU A 221 -27.61 10.93 38.05
N LYS A 222 -28.13 10.48 39.20
CA LYS A 222 -28.12 9.05 39.49
C LYS A 222 -28.97 8.26 38.51
N SER A 223 -30.07 8.85 38.03
CA SER A 223 -30.89 8.15 37.05
C SER A 223 -30.20 8.09 35.70
N ARG A 224 -29.43 9.12 35.34
CA ARG A 224 -28.73 9.14 34.07
C ARG A 224 -27.62 8.09 34.05
N ILE A 225 -26.81 8.06 35.11
CA ILE A 225 -25.66 7.15 35.15
C ILE A 225 -26.11 5.70 35.17
N SER A 226 -27.29 5.42 35.73
CA SER A 226 -27.79 4.05 35.74
C SER A 226 -28.16 3.58 34.34
N GLU A 227 -28.76 4.47 33.54
CA GLU A 227 -29.10 4.10 32.16
C GLU A 227 -27.86 3.82 31.32
N ILE A 228 -26.76 4.51 31.61
CA ILE A 228 -25.52 4.26 30.87
C ILE A 228 -24.92 2.92 31.29
N ILE A 229 -24.92 2.63 32.59
CA ILE A 229 -24.41 1.34 33.06
C ILE A 229 -25.27 0.20 32.50
N ASP A 230 -26.59 0.41 32.46
CA ASP A 230 -27.46 -0.60 31.86
C ASP A 230 -27.15 -0.78 30.38
N SER A 231 -26.86 0.32 29.68
CA SER A 231 -26.55 0.23 28.26
C SER A 231 -25.24 -0.51 28.01
N ARG A 232 -24.23 -0.28 28.87
CA ARG A 232 -22.97 -1.01 28.73
C ARG A 232 -23.17 -2.49 28.99
N ARG A 233 -23.90 -2.83 30.06
CA ARG A 233 -24.15 -4.23 30.38
C ARG A 233 -24.90 -4.92 29.24
N ARG A 234 -25.85 -4.21 28.62
CA ARG A 234 -26.58 -4.78 27.48
C ARG A 234 -25.68 -4.98 26.28
N LEU A 235 -24.67 -4.11 26.10
CA LEU A 235 -23.75 -4.28 24.98
C LEU A 235 -22.70 -5.35 25.25
N GLU A 236 -22.27 -5.49 26.51
CA GLU A 236 -21.32 -6.56 26.86
C GLU A 236 -21.91 -7.93 26.58
N GLU A 237 -23.20 -8.12 26.86
CA GLU A 237 -23.84 -9.41 26.61
C GLU A 237 -23.98 -9.67 25.12
N ASP A 238 -24.29 -8.63 24.33
CA ASP A 238 -24.36 -8.80 22.88
C ASP A 238 -23.00 -9.15 22.32
N LEU A 239 -21.93 -8.55 22.86
CA LEU A 239 -20.59 -8.92 22.44
C LEU A 239 -20.29 -10.37 22.84
N LYS A 240 -20.62 -10.74 24.08
CA LYS A 240 -20.39 -12.11 24.53
C LYS A 240 -21.08 -13.11 23.60
N LYS A 241 -22.29 -12.79 23.13
CA LYS A 241 -22.99 -13.67 22.21
C LYS A 241 -22.26 -13.75 20.86
N GLN A 242 -21.89 -12.59 20.31
CA GLN A 242 -21.31 -12.57 18.97
C GLN A 242 -19.89 -13.14 18.97
N ALA A 243 -19.17 -13.04 20.08
CA ALA A 243 -17.87 -13.67 20.18
C ALA A 243 -18.00 -15.18 20.07
N ALA A 244 -18.99 -15.76 20.76
CA ALA A 244 -19.21 -17.20 20.68
C ALA A 244 -19.61 -17.61 19.27
N GLU A 245 -20.36 -16.76 18.57
CA GLU A 245 -20.69 -17.04 17.18
C GLU A 245 -19.45 -16.98 16.30
N TYR A 246 -18.50 -16.09 16.62
CA TYR A 246 -17.27 -16.01 15.85
C TYR A 246 -16.45 -17.28 15.99
N ARG A 247 -16.37 -17.84 17.20
CA ARG A 247 -15.60 -19.06 17.41
C ARG A 247 -16.20 -20.23 16.63
N GLU A 248 -17.53 -20.33 16.58
CA GLU A 248 -18.17 -21.41 15.84
C GLU A 248 -17.89 -21.29 14.35
N ILE A 249 -17.97 -20.07 13.80
CA ILE A 249 -17.61 -19.85 12.41
C ILE A 249 -16.16 -20.26 12.18
N ASP A 250 -15.29 -19.94 13.15
CA ASP A 250 -13.88 -20.32 13.03
C ASP A 250 -13.73 -21.83 13.02
N LYS A 251 -14.52 -22.53 13.85
CA LYS A 251 -14.45 -23.99 13.89
C LYS A 251 -14.94 -24.61 12.58
N ARG A 252 -16.03 -24.08 12.02
CA ARG A 252 -16.56 -24.63 10.78
C ARG A 252 -15.55 -24.48 9.63
N MET A 253 -14.87 -23.34 9.56
CA MET A 253 -13.89 -23.14 8.51
C MET A 253 -12.65 -24.00 8.72
N ASN A 254 -12.31 -24.30 9.98
CA ASN A 254 -11.16 -25.14 10.26
C ASN A 254 -11.42 -26.60 9.92
N SER A 255 -12.68 -27.03 9.91
CA SER A 255 -13.02 -28.38 9.46
C SER A 255 -13.07 -28.49 7.94
N ILE A 256 -13.47 -27.43 7.25
CA ILE A 256 -13.58 -27.49 5.79
C ILE A 256 -12.23 -27.34 5.12
N LYS A 257 -11.31 -26.56 5.71
CA LYS A 257 -10.03 -26.26 5.10
C LYS A 257 -9.29 -27.52 4.65
N PRO A 258 -9.08 -28.49 5.53
CA PRO A 258 -8.38 -29.72 5.09
C PRO A 258 -9.13 -30.47 4.01
N ASP A 259 -10.45 -30.57 4.12
CA ASP A 259 -11.22 -31.30 3.12
C ASP A 259 -11.26 -30.55 1.80
N LEU A 260 -11.38 -29.22 1.83
CA LEU A 260 -11.44 -28.45 0.60
C LEU A 260 -10.12 -28.49 -0.15
N ILE A 261 -8.99 -28.53 0.57
CA ILE A 261 -7.69 -28.69 -0.08
C ILE A 261 -7.58 -30.07 -0.71
N GLN A 262 -7.97 -31.11 0.04
CA GLN A 262 -7.88 -32.48 -0.49
C GLN A 262 -8.80 -32.66 -1.68
N LEU A 263 -10.02 -32.12 -1.60
CA LEU A 263 -10.95 -32.25 -2.71
C LEU A 263 -10.45 -31.53 -3.96
N ARG A 264 -9.70 -30.44 -3.79
CA ARG A 264 -9.16 -29.71 -4.92
C ARG A 264 -7.94 -30.43 -5.52
N LYS A 265 -7.11 -31.02 -4.65
CA LYS A 265 -5.90 -31.69 -5.14
C LYS A 265 -6.25 -32.84 -6.07
N THR A 266 -7.26 -33.64 -5.73
CA THR A 266 -7.65 -34.75 -6.58
C THR A 266 -8.32 -34.26 -7.86
N ARG A 267 -8.96 -33.09 -7.81
CA ARG A 267 -9.53 -32.50 -9.02
C ARG A 267 -8.44 -32.17 -10.02
N ASP A 268 -7.32 -31.63 -9.56
CA ASP A 268 -6.21 -31.33 -10.45
C ASP A 268 -5.53 -32.60 -10.95
N GLN A 269 -5.60 -33.69 -10.17
CA GLN A 269 -4.99 -34.94 -10.59
C GLN A 269 -5.68 -35.55 -11.81
N TYR A 270 -6.93 -35.17 -12.07
CA TYR A 270 -7.67 -35.67 -13.22
C TYR A 270 -7.67 -34.63 -14.34
N LEU A 325 -23.53 11.61 16.52
CA LEU A 325 -23.43 10.76 17.70
C LEU A 325 -23.25 9.30 17.32
N TRP A 326 -23.01 8.45 18.30
CA TRP A 326 -22.82 7.03 18.05
C TRP A 326 -24.17 6.38 17.75
N GLY A 327 -24.27 5.75 16.57
CA GLY A 327 -25.50 5.12 16.14
C GLY A 327 -26.45 6.04 15.40
N ILE A 328 -26.30 7.35 15.54
CA ILE A 328 -27.15 8.33 14.86
C ILE A 328 -26.31 8.95 13.75
N HIS A 329 -26.82 8.88 12.52
CA HIS A 329 -26.09 9.40 11.37
C HIS A 329 -25.81 10.89 11.53
N LEU A 330 -26.84 11.68 11.81
CA LEU A 330 -26.72 13.11 12.01
C LEU A 330 -27.51 13.54 13.23
N MET A 331 -27.15 14.70 13.76
CA MET A 331 -27.86 15.27 14.91
C MET A 331 -29.14 15.96 14.44
N PRO A 332 -30.18 15.96 15.26
CA PRO A 332 -31.36 16.77 14.95
C PRO A 332 -31.01 18.25 14.95
N PRO A 333 -31.83 19.10 14.35
CA PRO A 333 -31.50 20.55 14.32
C PRO A 333 -31.22 21.14 15.69
N ARG A 334 -32.03 20.82 16.69
CA ARG A 334 -31.78 21.18 18.08
C ARG A 334 -31.64 19.89 18.88
N ILE A 335 -30.61 19.83 19.74
CA ILE A 335 -30.30 18.64 20.51
C ILE A 335 -30.10 19.05 21.96
N LEU A 336 -30.36 18.11 22.87
CA LEU A 336 -30.19 18.32 24.30
C LEU A 336 -28.90 17.66 24.75
N VAL A 337 -27.99 18.47 25.31
CA VAL A 337 -26.68 17.99 25.78
C VAL A 337 -26.60 18.25 27.28
N GLU A 338 -26.15 17.23 28.01
CA GLU A 338 -26.02 17.31 29.47
C GLU A 338 -24.62 17.78 29.82
N CYS A 339 -24.52 18.96 30.43
CA CYS A 339 -23.23 19.54 30.82
C CYS A 339 -22.94 19.20 32.27
N LEU A 340 -21.78 18.59 32.53
CA LEU A 340 -21.36 18.20 33.87
C LEU A 340 -20.49 19.31 34.45
N LEU A 341 -21.00 19.99 35.51
CA LEU A 341 -20.33 21.13 36.11
C LEU A 341 -19.37 20.68 37.22
N PRO A 342 -18.32 21.46 37.48
CA PRO A 342 -17.36 21.07 38.52
C PRO A 342 -17.94 21.13 39.92
N ASN A 343 -19.07 21.81 40.12
CA ASN A 343 -19.72 21.85 41.42
C ASN A 343 -20.62 20.65 41.68
N GLY A 344 -20.68 19.70 40.73
CA GLY A 344 -21.46 18.49 40.88
C GLY A 344 -22.79 18.52 40.18
N MET A 345 -23.27 19.71 39.79
CA MET A 345 -24.56 19.82 39.12
C MET A 345 -24.49 19.29 37.70
N ILE A 346 -25.59 18.68 37.26
CA ILE A 346 -25.78 18.29 35.87
C ILE A 346 -26.88 19.19 35.30
N VAL A 347 -26.55 19.94 34.26
CA VAL A 347 -27.44 20.94 33.70
C VAL A 347 -27.79 20.55 32.26
N THR A 348 -29.07 20.64 31.93
CA THR A 348 -29.55 20.35 30.58
C THR A 348 -29.54 21.63 29.77
N LEU A 349 -28.99 21.55 28.56
CA LEU A 349 -28.84 22.73 27.70
C LEU A 349 -29.24 22.37 26.28
N GLU A 350 -30.19 23.12 25.72
CA GLU A 350 -30.60 22.94 24.34
C GLU A 350 -29.65 23.71 23.43
N CYS A 351 -29.06 23.01 22.46
CA CYS A 351 -28.04 23.57 21.59
C CYS A 351 -28.44 23.41 20.13
N LEU A 352 -28.04 24.39 19.32
CA LEU A 352 -28.03 24.19 17.88
C LEU A 352 -26.91 23.24 17.52
N ARG A 353 -27.18 22.32 16.58
CA ARG A 353 -26.17 21.34 16.21
C ARG A 353 -24.91 22.00 15.67
N GLU A 354 -25.05 23.17 15.03
CA GLU A 354 -23.94 23.87 14.42
C GLU A 354 -23.24 24.84 15.36
N ALA A 355 -23.72 24.99 16.59
CA ALA A 355 -23.16 25.97 17.51
C ALA A 355 -21.73 25.59 17.89
N THR A 356 -20.87 26.60 18.01
CA THR A 356 -19.50 26.41 18.44
C THR A 356 -19.43 26.22 19.95
N LEU A 357 -18.34 25.58 20.40
CA LEU A 357 -18.13 25.41 21.84
C LEU A 357 -18.01 26.75 22.54
N ILE A 358 -17.56 27.80 21.83
CA ILE A 358 -17.57 29.14 22.41
C ILE A 358 -19.00 29.55 22.78
N THR A 359 -19.92 29.45 21.81
CA THR A 359 -21.31 29.79 22.07
C THR A 359 -21.89 28.90 23.17
N ILE A 360 -21.59 27.61 23.13
CA ILE A 360 -22.17 26.67 24.09
C ILE A 360 -21.68 26.98 25.50
N LYS A 361 -20.39 27.27 25.66
CA LYS A 361 -19.87 27.55 26.99
C LYS A 361 -20.45 28.83 27.56
N HIS A 362 -20.61 29.86 26.73
CA HIS A 362 -21.14 31.13 27.23
C HIS A 362 -22.60 30.99 27.64
N GLU A 363 -23.41 30.30 26.85
CA GLU A 363 -24.80 30.10 27.20
C GLU A 363 -24.93 29.17 28.41
N LEU A 364 -24.07 28.16 28.49
CA LEU A 364 -24.10 27.23 29.62
C LEU A 364 -23.98 27.96 30.95
N PHE A 365 -23.04 28.90 31.04
CA PHE A 365 -22.81 29.60 32.29
C PHE A 365 -23.87 30.65 32.60
N LYS A 366 -24.71 31.01 31.62
CA LYS A 366 -25.94 31.73 31.96
C LYS A 366 -26.95 30.79 32.61
N GLU A 367 -27.09 29.59 32.06
CA GLU A 367 -28.06 28.63 32.57
C GLU A 367 -27.66 28.09 33.93
N ALA A 368 -26.36 28.04 34.22
CA ALA A 368 -25.90 27.50 35.49
C ALA A 368 -26.38 28.33 36.67
N ARG A 369 -26.60 29.63 36.46
CA ARG A 369 -27.07 30.51 37.53
C ARG A 369 -28.45 30.11 38.02
N LYS A 370 -29.18 29.30 37.26
CA LYS A 370 -30.50 28.82 37.66
C LYS A 370 -30.43 27.56 38.51
N TYR A 371 -29.23 27.06 38.79
CA TYR A 371 -29.02 25.78 39.46
C TYR A 371 -28.34 26.01 40.81
N PRO A 372 -28.46 25.06 41.73
CA PRO A 372 -27.83 25.22 43.05
C PRO A 372 -26.31 25.27 42.95
N LEU A 373 -25.71 25.85 44.00
CA LEU A 373 -24.26 25.87 44.16
C LEU A 373 -23.56 26.63 43.02
N HIS A 374 -24.20 27.68 42.53
CA HIS A 374 -23.59 28.47 41.46
C HIS A 374 -22.31 29.13 41.92
N GLN A 375 -22.26 29.58 43.18
CA GLN A 375 -21.14 30.40 43.64
C GLN A 375 -19.81 29.68 43.59
N LEU A 376 -19.81 28.34 43.53
CA LEU A 376 -18.56 27.60 43.44
C LEU A 376 -17.94 27.67 42.05
N LEU A 377 -18.67 28.17 41.06
CA LEU A 377 -18.18 28.18 39.68
C LEU A 377 -17.29 29.39 39.44
N GLN A 378 -16.12 29.14 38.85
CA GLN A 378 -15.20 30.20 38.46
C GLN A 378 -15.74 30.84 37.17
N ASP A 379 -14.95 31.74 36.59
CA ASP A 379 -15.34 32.33 35.32
C ASP A 379 -15.17 31.31 34.19
N GLU A 380 -16.06 31.40 33.20
CA GLU A 380 -16.05 30.45 32.10
C GLU A 380 -14.69 30.39 31.40
N SER A 381 -13.93 31.49 31.45
CA SER A 381 -12.62 31.53 30.82
C SER A 381 -11.62 30.58 31.49
N SER A 382 -11.93 30.09 32.69
CA SER A 382 -11.05 29.18 33.42
C SER A 382 -11.26 27.73 33.05
N TYR A 383 -12.23 27.42 32.19
CA TYR A 383 -12.64 26.06 31.92
C TYR A 383 -12.54 25.74 30.43
N ILE A 384 -12.52 24.44 30.14
CA ILE A 384 -12.72 23.91 28.79
C ILE A 384 -13.63 22.69 28.91
N PHE A 385 -14.11 22.23 27.76
CA PHE A 385 -14.94 21.04 27.70
C PHE A 385 -14.09 19.80 27.45
N VAL A 386 -14.45 18.72 28.13
CA VAL A 386 -13.92 17.38 27.84
C VAL A 386 -15.12 16.46 27.66
N SER A 387 -14.96 15.47 26.78
CA SER A 387 -16.03 14.49 26.55
C SER A 387 -15.40 13.25 25.94
N VAL A 388 -16.26 12.32 25.52
CA VAL A 388 -15.83 11.05 24.92
C VAL A 388 -16.30 11.05 23.47
N THR A 389 -15.57 10.30 22.64
CA THR A 389 -15.79 10.28 21.20
C THR A 389 -16.09 8.87 20.73
N GLN A 390 -16.63 8.79 19.51
CA GLN A 390 -16.91 7.50 18.89
C GLN A 390 -15.68 6.59 18.84
N GLU A 391 -14.48 7.18 18.88
CA GLU A 391 -13.23 6.43 18.97
C GLU A 391 -12.87 6.05 20.39
N ALA A 392 -13.74 6.36 21.37
CA ALA A 392 -13.53 6.04 22.78
C ALA A 392 -12.36 6.80 23.39
N GLU A 393 -12.09 8.00 22.87
CA GLU A 393 -11.06 8.87 23.42
C GLU A 393 -11.69 9.86 24.38
N ARG A 394 -10.99 10.15 25.48
CA ARG A 394 -11.36 11.23 26.37
C ARG A 394 -10.63 12.48 25.88
N GLU A 395 -11.37 13.42 25.31
CA GLU A 395 -10.80 14.47 24.48
C GLU A 395 -11.09 15.83 25.11
N GLU A 396 -10.04 16.52 25.52
CA GLU A 396 -10.14 17.92 25.88
C GLU A 396 -10.27 18.73 24.60
N PHE A 397 -11.27 19.60 24.53
CA PHE A 397 -11.43 20.44 23.34
C PHE A 397 -10.83 21.79 23.70
N PHE A 398 -9.61 22.03 23.21
CA PHE A 398 -8.96 23.32 23.37
C PHE A 398 -9.39 24.30 22.29
N ASP A 399 -9.75 23.78 21.13
CA ASP A 399 -10.22 24.62 20.03
C ASP A 399 -11.72 24.72 20.18
N GLU A 400 -12.19 25.90 20.58
CA GLU A 400 -13.60 26.13 20.84
C GLU A 400 -14.31 26.71 19.65
N THR A 401 -13.59 26.92 18.55
CA THR A 401 -14.21 27.27 17.28
C THR A 401 -15.05 26.12 16.75
N ARG A 402 -14.70 24.89 17.09
CA ARG A 402 -15.30 23.72 16.45
C ARG A 402 -16.78 23.61 16.81
N ARG A 403 -17.57 23.19 15.82
CA ARG A 403 -19.01 23.05 15.99
C ARG A 403 -19.34 21.75 16.72
N LEU A 404 -20.51 21.75 17.38
CA LEU A 404 -20.91 20.60 18.18
C LEU A 404 -21.06 19.34 17.33
N CYS A 405 -21.66 19.47 16.15
CA CYS A 405 -21.88 18.29 15.30
C CYS A 405 -20.59 17.74 14.70
N ASP A 406 -19.49 18.50 14.75
CA ASP A 406 -18.21 18.06 14.21
C ASP A 406 -17.34 17.35 15.23
N LEU A 407 -17.78 17.23 16.48
CA LEU A 407 -16.95 16.65 17.53
C LEU A 407 -16.95 15.13 17.55
N ARG A 408 -17.91 14.49 16.89
CA ARG A 408 -18.02 13.04 16.87
C ARG A 408 -18.19 12.49 18.30
N LEU A 409 -19.09 13.13 19.05
CA LEU A 409 -19.33 12.73 20.43
C LEU A 409 -19.94 11.33 20.49
N PHE A 410 -19.50 10.56 21.49
CA PHE A 410 -20.11 9.26 21.74
C PHE A 410 -21.56 9.40 22.20
N GLN A 411 -21.78 10.22 23.22
CA GLN A 411 -23.10 10.57 23.71
C GLN A 411 -23.17 12.08 23.87
N PRO A 412 -24.40 12.66 23.91
CA PRO A 412 -24.50 14.13 24.00
C PRO A 412 -24.31 14.67 25.41
N PHE A 413 -23.05 14.75 25.83
CA PHE A 413 -22.71 15.31 27.13
C PHE A 413 -21.34 15.97 27.06
N LEU A 414 -21.13 16.96 27.92
CA LEU A 414 -19.87 17.66 28.03
C LEU A 414 -19.52 17.83 29.50
N LYS A 415 -18.25 17.63 29.85
CA LYS A 415 -17.77 17.84 31.20
C LYS A 415 -16.93 19.10 31.24
N VAL A 416 -17.18 19.94 32.25
CA VAL A 416 -16.44 21.18 32.44
C VAL A 416 -15.28 20.91 33.37
N ILE A 417 -14.06 21.09 32.87
CA ILE A 417 -12.83 20.88 33.63
C ILE A 417 -11.91 22.07 33.40
N GLU A 418 -10.88 22.17 34.26
CA GLU A 418 -9.83 23.16 34.05
C GLU A 418 -8.77 22.58 33.11
N PRO A 419 -8.27 23.37 32.16
CA PRO A 419 -7.33 22.83 31.18
C PRO A 419 -5.99 22.50 31.80
N VAL A 420 -5.41 21.39 31.37
CA VAL A 420 -4.09 20.94 31.80
C VAL A 420 -3.27 20.62 30.57
N GLY A 421 -2.06 21.14 30.51
CA GLY A 421 -1.13 20.85 29.43
C GLY A 421 -1.01 22.01 28.45
N ASN A 422 -0.22 21.76 27.42
CA ASN A 422 0.06 22.77 26.40
C ASN A 422 -1.13 22.87 25.44
N ARG A 423 -1.63 24.09 25.26
CA ARG A 423 -2.83 24.29 24.44
C ARG A 423 -2.55 23.97 22.97
N GLU A 424 -1.45 24.51 22.43
CA GLU A 424 -1.20 24.38 20.99
C GLU A 424 -0.89 22.93 20.60
N GLU A 425 -0.26 22.16 21.48
CA GLU A 425 0.05 20.77 21.15
C GLU A 425 -1.21 19.92 21.17
N LYS A 426 -2.10 20.13 22.16
CA LYS A 426 -3.35 19.38 22.20
C LYS A 426 -4.19 19.66 20.96
N ILE A 427 -4.28 20.92 20.54
CA ILE A 427 -5.02 21.26 19.33
C ILE A 427 -4.43 20.53 18.13
N LEU A 428 -3.10 20.53 18.01
CA LEU A 428 -2.45 19.86 16.89
C LEU A 428 -2.64 18.35 16.96
N ASN A 429 -2.56 17.78 18.16
CA ASN A 429 -2.72 16.33 18.29
C ASN A 429 -4.09 15.89 17.81
N ARG A 430 -5.12 16.71 18.04
CA ARG A 430 -6.44 16.38 17.51
C ARG A 430 -6.43 16.38 15.99
N GLU A 431 -5.79 17.39 15.38
CA GLU A 431 -5.73 17.47 13.93
C GLU A 431 -4.94 16.30 13.34
N ILE A 432 -3.87 15.88 14.04
CA ILE A 432 -3.08 14.74 13.59
C ILE A 432 -3.90 13.46 13.67
N GLY A 433 -4.54 13.23 14.82
CA GLY A 433 -5.32 12.02 15.00
C GLY A 433 -6.43 11.88 13.99
N PHE A 434 -7.00 13.01 13.54
CA PHE A 434 -8.04 12.95 12.52
C PHE A 434 -7.48 12.45 11.20
N ALA A 435 -6.32 12.97 10.78
CA ALA A 435 -5.70 12.52 9.54
C ALA A 435 -5.28 11.07 9.63
N ILE A 436 -4.69 10.68 10.76
CA ILE A 436 -4.20 9.32 10.94
C ILE A 436 -5.36 8.32 10.97
N GLY A 437 -6.51 8.74 11.48
CA GLY A 437 -7.61 7.82 11.75
C GLY A 437 -7.51 7.12 13.08
N MET A 438 -6.58 7.54 13.95
CA MET A 438 -6.35 6.93 15.24
C MET A 438 -5.98 8.04 16.23
N PRO A 439 -6.42 7.95 17.48
CA PRO A 439 -6.02 8.98 18.45
C PRO A 439 -4.55 8.89 18.81
N VAL A 440 -3.91 10.07 18.92
CA VAL A 440 -2.48 10.11 19.22
C VAL A 440 -2.22 9.65 20.65
N CYS A 441 -3.18 9.85 21.56
CA CYS A 441 -3.00 9.42 22.93
C CYS A 441 -2.87 7.91 23.05
N GLU A 442 -3.31 7.15 22.03
CA GLU A 442 -3.16 5.70 22.09
C GLU A 442 -1.71 5.30 21.98
N PHE A 443 -0.87 6.11 21.34
CA PHE A 443 0.56 5.84 21.32
C PHE A 443 1.22 6.19 22.65
N ASP A 444 0.64 7.11 23.41
CA ASP A 444 1.24 7.50 24.69
C ASP A 444 1.27 6.33 25.67
N MET A 445 0.25 5.49 25.65
CA MET A 445 0.09 4.44 26.65
C MET A 445 0.80 3.14 26.30
N VAL A 446 1.44 3.08 25.13
CA VAL A 446 2.18 1.86 24.75
C VAL A 446 3.46 1.78 25.57
N LYS A 447 3.65 0.65 26.24
CA LYS A 447 4.81 0.46 27.12
C LYS A 447 6.03 -0.09 26.40
N ASP A 448 5.91 -0.49 25.14
CA ASP A 448 7.05 -1.02 24.40
C ASP A 448 8.11 0.06 24.23
N PRO A 449 9.32 -0.13 24.75
CA PRO A 449 10.35 0.91 24.58
C PRO A 449 10.71 1.18 23.12
N GLU A 450 10.66 0.18 22.25
CA GLU A 450 10.94 0.42 20.84
C GLU A 450 9.97 1.43 20.26
N VAL A 451 8.71 1.37 20.68
CA VAL A 451 7.71 2.34 20.20
C VAL A 451 8.06 3.73 20.70
N GLN A 452 8.34 3.86 22.00
CA GLN A 452 8.65 5.18 22.56
C GLN A 452 10.01 5.69 22.11
N ASP A 453 10.93 4.79 21.78
CA ASP A 453 12.21 5.23 21.24
C ASP A 453 12.06 5.72 19.80
N PHE A 454 11.17 5.08 19.04
CA PHE A 454 10.96 5.52 17.66
C PHE A 454 10.33 6.92 17.64
N ARG A 455 9.30 7.14 18.43
CA ARG A 455 8.65 8.46 18.46
C ARG A 455 9.67 9.54 18.77
N ARG A 456 10.51 9.31 19.77
CA ARG A 456 11.48 10.33 20.17
C ARG A 456 12.59 10.48 19.15
N ASN A 457 13.14 9.37 18.66
CA ASN A 457 14.31 9.42 17.80
C ASN A 457 13.98 9.86 16.39
N ILE A 458 12.79 9.53 15.88
CA ILE A 458 12.46 9.90 14.51
C ILE A 458 12.36 11.41 14.34
N LEU A 459 12.18 12.15 15.44
CA LEU A 459 12.09 13.60 15.36
C LEU A 459 13.37 14.22 14.82
N ASN A 460 14.50 13.51 14.89
CA ASN A 460 15.73 13.99 14.27
C ASN A 460 15.54 14.15 12.76
N VAL A 461 14.80 13.23 12.14
CA VAL A 461 14.53 13.33 10.71
C VAL A 461 13.63 14.53 10.43
N CYS A 462 12.62 14.74 11.28
CA CYS A 462 11.72 15.87 11.11
C CYS A 462 12.48 17.19 11.14
N LYS A 463 13.42 17.35 12.08
CA LYS A 463 14.15 18.61 12.20
C LYS A 463 15.05 18.85 10.99
N GLU A 464 15.67 17.80 10.46
CA GLU A 464 16.51 17.95 9.28
C GLU A 464 15.71 18.42 8.08
N ALA A 465 14.56 17.78 7.84
CA ALA A 465 13.76 18.12 6.67
C ALA A 465 13.22 19.54 6.76
N VAL A 466 12.73 19.94 7.94
CA VAL A 466 12.25 21.32 8.11
C VAL A 466 13.39 22.29 7.92
N ASP A 467 14.58 21.98 8.46
CA ASP A 467 15.72 22.86 8.30
C ASP A 467 16.19 22.92 6.85
N LEU A 468 15.98 21.84 6.09
CA LEU A 468 16.49 21.78 4.73
C LEU A 468 15.60 22.55 3.76
N ARG A 469 14.28 22.50 3.95
CA ARG A 469 13.37 23.20 3.05
C ARG A 469 13.23 24.67 3.40
N ASP A 470 13.64 25.07 4.59
CA ASP A 470 13.68 26.48 4.99
C ASP A 470 15.02 27.13 4.73
N LEU A 471 15.96 26.41 4.11
CA LEU A 471 17.34 26.89 4.01
C LEU A 471 17.40 28.22 3.26
N ASN A 472 16.88 28.26 2.03
CA ASN A 472 16.69 29.51 1.31
C ASN A 472 15.18 29.74 1.22
N SER A 473 14.69 30.66 2.05
CA SER A 473 13.29 31.04 2.04
C SER A 473 13.07 32.27 1.16
N PRO A 474 11.86 32.45 0.63
CA PRO A 474 10.70 31.55 0.50
C PRO A 474 10.91 30.45 -0.54
N HIS A 475 11.92 30.63 -1.41
CA HIS A 475 12.06 29.78 -2.60
C HIS A 475 12.05 28.31 -2.24
N SER A 476 12.92 27.88 -1.33
CA SER A 476 13.01 26.46 -1.00
C SER A 476 11.71 25.94 -0.41
N ARG A 477 10.91 26.81 0.21
CA ARG A 477 9.60 26.40 0.68
C ARG A 477 8.63 26.22 -0.49
N ALA A 478 8.74 27.08 -1.51
CA ALA A 478 7.95 26.90 -2.71
C ALA A 478 8.38 25.64 -3.47
N MET A 479 9.68 25.35 -3.48
CA MET A 479 10.17 24.11 -4.09
C MET A 479 9.64 22.88 -3.35
N TYR A 480 9.38 23.02 -2.06
CA TYR A 480 8.83 21.91 -1.28
C TYR A 480 7.37 21.68 -1.62
N VAL A 481 6.55 22.74 -1.61
CA VAL A 481 5.11 22.59 -1.82
C VAL A 481 4.82 22.27 -3.28
N TYR A 482 5.49 22.96 -4.21
CA TYR A 482 5.24 22.81 -5.64
C TYR A 482 6.53 22.37 -6.34
N PRO A 483 6.97 21.13 -6.09
CA PRO A 483 8.22 20.68 -6.70
C PRO A 483 8.05 20.49 -8.19
N PRO A 484 9.10 20.74 -8.98
CA PRO A 484 8.96 20.62 -10.43
C PRO A 484 8.49 19.23 -10.85
N ASN A 485 7.46 19.20 -11.69
CA ASN A 485 6.93 17.95 -12.22
C ASN A 485 7.61 17.71 -13.56
N VAL A 486 8.49 16.71 -13.62
CA VAL A 486 9.51 16.67 -14.67
C VAL A 486 9.83 15.22 -15.02
N GLU A 487 10.13 15.00 -16.30
CA GLU A 487 10.52 13.70 -16.83
C GLU A 487 11.93 13.31 -16.35
N SER A 488 12.22 12.01 -16.46
CA SER A 488 13.51 11.49 -16.01
C SER A 488 14.68 12.15 -16.72
N SER A 489 14.56 12.37 -18.03
CA SER A 489 15.69 12.81 -18.84
C SER A 489 15.30 13.95 -19.78
N PRO A 490 16.22 14.89 -20.02
CA PRO A 490 15.95 15.91 -21.06
C PRO A 490 15.96 15.35 -22.48
N GLU A 491 16.64 14.22 -22.71
CA GLU A 491 16.78 13.69 -24.06
C GLU A 491 15.41 13.28 -24.61
N LEU A 492 15.09 13.77 -25.81
CA LEU A 492 13.86 13.42 -26.50
C LEU A 492 14.12 12.29 -27.49
N PRO A 493 13.35 11.21 -27.47
CA PRO A 493 13.50 10.18 -28.50
C PRO A 493 13.33 10.76 -29.90
N LYS A 494 13.93 10.07 -30.87
CA LYS A 494 14.05 10.61 -32.22
C LYS A 494 12.69 10.98 -32.80
N HIS A 495 11.68 10.13 -32.59
CA HIS A 495 10.37 10.40 -33.21
C HIS A 495 9.62 11.52 -32.51
N ILE A 496 9.99 11.86 -31.28
CA ILE A 496 9.35 13.00 -30.60
C ILE A 496 9.94 14.31 -31.10
N TYR A 497 11.26 14.37 -31.29
CA TYR A 497 11.88 15.58 -31.82
C TYR A 497 11.37 15.90 -33.22
N ASN A 498 10.96 14.89 -33.97
CA ASN A 498 10.38 15.10 -35.29
C ASN A 498 8.96 15.63 -35.23
N LYS A 499 8.27 15.47 -34.10
CA LYS A 499 6.93 16.01 -33.96
C LYS A 499 6.95 17.53 -33.94
N LEU A 500 7.86 18.12 -33.17
CA LEU A 500 8.07 19.55 -33.21
C LEU A 500 8.89 19.92 -34.44
N ASP A 501 8.60 21.08 -35.02
CA ASP A 501 9.17 21.47 -36.30
C ASP A 501 10.43 22.30 -36.06
N LYS A 502 11.57 21.80 -36.54
CA LYS A 502 12.85 22.49 -36.57
C LYS A 502 13.52 22.55 -35.20
N GLY A 503 12.90 22.03 -34.15
CA GLY A 503 13.42 22.15 -32.79
C GLY A 503 12.66 23.15 -31.94
N GLN A 504 11.63 23.79 -32.48
CA GLN A 504 10.90 24.86 -31.81
C GLN A 504 9.47 24.44 -31.56
N ILE A 505 8.93 24.92 -30.43
CA ILE A 505 7.57 24.63 -29.99
C ILE A 505 6.85 25.97 -29.81
N ILE A 506 5.57 26.00 -30.15
CA ILE A 506 4.75 27.21 -30.00
C ILE A 506 4.04 27.13 -28.65
N VAL A 507 4.28 28.14 -27.81
CA VAL A 507 3.65 28.22 -26.50
C VAL A 507 2.89 29.54 -26.40
N VAL A 508 1.88 29.56 -25.54
CA VAL A 508 1.05 30.74 -25.30
C VAL A 508 1.25 31.16 -23.85
N ILE A 509 1.74 32.38 -23.65
CA ILE A 509 1.90 32.96 -22.32
C ILE A 509 0.72 33.87 -22.05
N TRP A 510 0.08 33.68 -20.89
CA TRP A 510 -1.13 34.41 -20.53
C TRP A 510 -0.84 35.35 -19.35
N VAL A 511 -1.48 36.52 -19.38
CA VAL A 511 -1.35 37.52 -18.34
C VAL A 511 -2.74 37.94 -17.91
N ILE A 512 -2.94 38.05 -16.60
CA ILE A 512 -4.21 38.51 -16.03
C ILE A 512 -4.08 39.99 -15.70
N VAL A 513 -5.01 40.79 -16.24
CA VAL A 513 -5.01 42.23 -16.03
C VAL A 513 -6.37 42.65 -15.47
N SER A 514 -6.34 43.56 -14.49
CA SER A 514 -7.53 44.13 -13.86
C SER A 514 -8.23 43.12 -12.96
N PRO A 515 -9.06 43.59 -12.02
CA PRO A 515 -9.83 42.64 -11.19
C PRO A 515 -10.89 41.88 -11.97
N ASN A 516 -11.25 42.34 -13.17
CA ASN A 516 -12.30 41.70 -13.95
C ASN A 516 -11.88 40.35 -14.53
N ASN A 517 -10.61 39.96 -14.39
CA ASN A 517 -10.07 38.69 -14.85
C ASN A 517 -9.66 38.74 -16.33
N ASP A 518 -9.86 39.86 -17.01
CA ASP A 518 -9.50 39.96 -18.43
C ASP A 518 -8.08 39.49 -18.66
N LYS A 519 -7.90 38.70 -19.71
CA LYS A 519 -6.65 37.97 -19.94
C LYS A 519 -6.15 38.24 -21.36
N GLN A 520 -4.97 38.84 -21.46
CA GLN A 520 -4.26 39.02 -22.72
C GLN A 520 -3.25 37.89 -22.90
N LYS A 521 -3.07 37.46 -24.14
CA LYS A 521 -2.18 36.36 -24.47
C LYS A 521 -1.07 36.81 -25.41
N TYR A 522 0.07 36.13 -25.32
CA TYR A 522 1.22 36.38 -26.18
C TYR A 522 1.77 35.04 -26.66
N THR A 523 1.78 34.85 -27.98
CA THR A 523 2.20 33.59 -28.58
C THR A 523 3.70 33.65 -28.93
N LEU A 524 4.44 32.65 -28.48
CA LEU A 524 5.88 32.57 -28.68
C LEU A 524 6.24 31.30 -29.43
N LYS A 525 7.37 31.35 -30.14
CA LYS A 525 8.00 30.18 -30.75
C LYS A 525 9.44 30.13 -30.26
N ILE A 526 9.77 29.10 -29.49
CA ILE A 526 11.06 29.00 -28.81
C ILE A 526 11.56 27.56 -28.89
N ASN A 527 12.86 27.40 -28.67
CA ASN A 527 13.45 26.07 -28.62
C ASN A 527 12.80 25.24 -27.53
N HIS A 528 12.64 23.94 -27.80
CA HIS A 528 11.98 23.06 -26.84
C HIS A 528 12.75 23.00 -25.53
N ASP A 529 14.09 23.06 -25.59
CA ASP A 529 14.93 22.87 -24.42
C ASP A 529 15.34 24.16 -23.73
N CYS A 530 14.85 25.31 -24.18
CA CYS A 530 15.15 26.55 -23.48
C CYS A 530 14.41 26.59 -22.15
N VAL A 531 15.05 27.20 -21.15
CA VAL A 531 14.57 27.10 -19.76
C VAL A 531 13.40 28.05 -19.54
N PRO A 532 12.77 28.05 -18.36
CA PRO A 532 11.61 28.93 -18.15
C PRO A 532 11.98 30.41 -18.16
N GLU A 533 13.14 30.78 -17.62
CA GLU A 533 13.53 32.19 -17.63
C GLU A 533 13.74 32.68 -19.05
N GLN A 534 14.28 31.83 -19.92
CA GLN A 534 14.45 32.19 -21.32
C GLN A 534 13.11 32.35 -22.02
N VAL A 535 12.09 31.59 -21.61
CA VAL A 535 10.75 31.79 -22.14
C VAL A 535 10.21 33.15 -21.70
N ILE A 536 10.35 33.47 -20.41
CA ILE A 536 9.91 34.77 -19.91
C ILE A 536 10.65 35.89 -20.63
N ALA A 537 11.93 35.67 -20.93
CA ALA A 537 12.71 36.69 -21.64
C ALA A 537 12.15 36.95 -23.02
N GLU A 538 11.73 35.88 -23.71
CA GLU A 538 11.17 36.06 -25.06
C GLU A 538 9.83 36.78 -25.02
N ALA A 539 9.03 36.54 -23.97
CA ALA A 539 7.79 37.31 -23.81
C ALA A 539 8.10 38.80 -23.72
N ILE A 540 9.19 39.17 -23.04
CA ILE A 540 9.56 40.56 -22.91
C ILE A 540 10.08 41.10 -24.24
N ARG A 541 10.90 40.32 -24.95
CA ARG A 541 11.40 40.77 -26.24
C ARG A 541 10.25 41.05 -27.20
N LYS A 542 9.22 40.18 -27.20
CA LYS A 542 8.11 40.36 -28.11
C LYS A 542 7.24 41.55 -27.72
N LYS A 543 7.14 41.85 -26.42
CA LYS A 543 6.34 42.97 -25.97
C LYS A 543 7.04 44.30 -26.23
N THR A 544 8.36 44.34 -26.10
CA THR A 544 9.13 45.57 -26.15
C THR A 544 9.69 45.88 -27.54
N ARG A 545 9.35 45.10 -28.56
CA ARG A 545 9.92 45.27 -29.90
C ARG A 545 9.82 46.73 -30.37
N SER A 546 8.68 47.36 -30.16
CA SER A 546 8.42 48.69 -30.71
C SER A 546 8.88 49.81 -29.78
N MET A 547 9.27 49.50 -28.54
CA MET A 547 9.70 50.52 -27.60
C MET A 547 11.10 51.05 -27.87
N LEU A 548 11.87 50.36 -28.73
CA LEU A 548 13.20 50.83 -29.14
C LEU A 548 14.13 50.99 -27.94
N LEU A 549 14.18 49.96 -27.11
CA LEU A 549 15.12 49.92 -26.00
C LEU A 549 16.52 49.59 -26.49
N SER A 550 17.52 50.09 -25.78
CA SER A 550 18.89 49.76 -26.10
C SER A 550 19.19 48.34 -25.63
N SER A 551 20.42 47.87 -25.90
CA SER A 551 20.81 46.54 -25.47
C SER A 551 20.80 46.43 -23.95
N GLU A 552 21.30 47.47 -23.26
CA GLU A 552 21.33 47.45 -21.80
C GLU A 552 19.94 47.62 -21.22
N GLN A 553 19.10 48.45 -21.85
CA GLN A 553 17.74 48.66 -21.35
C GLN A 553 16.89 47.42 -21.52
N LEU A 554 17.14 46.63 -22.56
CA LEU A 554 16.42 45.38 -22.74
C LEU A 554 16.86 44.34 -21.72
N LYS A 555 18.15 44.32 -21.38
CA LYS A 555 18.63 43.39 -20.37
C LYS A 555 18.02 43.70 -19.01
N LEU A 556 17.85 45.00 -18.70
CA LEU A 556 17.30 45.39 -17.41
C LEU A 556 15.84 44.98 -17.30
N CYS A 557 15.08 45.12 -18.38
CA CYS A 557 13.67 44.74 -18.35
C CYS A 557 13.50 43.23 -18.28
N VAL A 558 14.42 42.47 -18.86
CA VAL A 558 14.35 41.01 -18.78
C VAL A 558 14.73 40.54 -17.38
N LEU A 559 15.78 41.14 -16.79
CA LEU A 559 16.18 40.75 -15.44
C LEU A 559 15.09 41.03 -14.43
N GLU A 560 14.32 42.10 -14.61
CA GLU A 560 13.24 42.41 -13.68
C GLU A 560 12.16 41.34 -13.71
N TYR A 561 11.73 40.94 -14.91
CA TYR A 561 10.64 39.98 -15.03
C TYR A 561 11.07 38.59 -14.61
N GLN A 562 12.30 38.20 -14.94
CA GLN A 562 12.81 36.92 -14.48
C GLN A 562 12.87 36.86 -12.95
N GLY A 563 13.15 37.98 -12.31
CA GLY A 563 13.20 38.04 -10.87
C GLY A 563 11.82 38.09 -10.24
N LYS A 564 10.90 38.83 -10.85
CA LYS A 564 9.59 39.08 -10.26
C LYS A 564 8.51 38.05 -10.63
N TYR A 565 8.76 37.18 -11.61
CA TYR A 565 7.71 36.33 -12.15
C TYR A 565 8.23 34.91 -12.42
N ILE A 566 7.29 33.96 -12.41
CA ILE A 566 7.52 32.60 -12.84
C ILE A 566 6.37 32.18 -13.75
N LEU A 567 6.45 30.96 -14.26
CA LEU A 567 5.47 30.42 -15.19
C LEU A 567 4.60 29.39 -14.49
N LYS A 568 3.31 29.38 -14.82
CA LYS A 568 2.34 28.48 -14.23
C LYS A 568 1.50 27.86 -15.33
N VAL A 569 1.24 26.55 -15.21
CA VAL A 569 0.36 25.87 -16.15
C VAL A 569 -1.06 26.37 -15.94
N CYS A 570 -1.70 26.80 -17.03
CA CYS A 570 -3.10 27.19 -16.97
C CYS A 570 -3.97 25.99 -16.64
N GLY A 571 -4.85 26.14 -15.65
CA GLY A 571 -5.87 25.15 -15.37
C GLY A 571 -5.66 24.34 -14.11
N CYS A 572 -4.48 24.39 -13.49
CA CYS A 572 -4.21 23.66 -12.27
C CYS A 572 -3.12 24.41 -11.51
N ASP A 573 -2.67 23.84 -10.39
CA ASP A 573 -1.52 24.40 -9.69
C ASP A 573 -0.32 23.54 -10.07
N GLU A 574 0.49 24.07 -10.96
CA GLU A 574 1.76 23.48 -11.35
C GLU A 574 2.62 24.65 -11.79
N TYR A 575 3.90 24.59 -11.47
CA TYR A 575 4.78 25.73 -11.69
C TYR A 575 6.11 25.23 -12.19
N PHE A 576 6.80 26.06 -12.98
CA PHE A 576 8.19 25.80 -13.30
C PHE A 576 8.97 26.76 -12.41
N LEU A 577 9.54 26.20 -11.34
CA LEU A 577 10.39 26.94 -10.42
C LEU A 577 11.87 26.68 -10.66
N GLU A 578 12.22 25.80 -11.59
CA GLU A 578 13.56 25.26 -11.70
C GLU A 578 14.04 25.36 -13.14
N LYS A 579 15.35 25.15 -13.31
CA LYS A 579 16.06 25.43 -14.55
C LYS A 579 15.96 24.30 -15.57
N TYR A 580 15.19 23.25 -15.29
CA TYR A 580 15.02 22.17 -16.25
C TYR A 580 14.59 22.74 -17.61
N PRO A 581 15.05 22.16 -18.72
CA PRO A 581 14.52 22.56 -20.03
C PRO A 581 13.01 22.39 -20.08
N LEU A 582 12.35 23.27 -20.85
CA LEU A 582 10.90 23.32 -20.83
C LEU A 582 10.29 22.00 -21.33
N SER A 583 10.92 21.38 -22.32
CA SER A 583 10.39 20.12 -22.83
C SER A 583 10.49 18.99 -21.82
N GLN A 584 11.25 19.16 -20.73
CA GLN A 584 11.37 18.12 -19.73
C GLN A 584 10.25 18.14 -18.70
N TYR A 585 9.48 19.22 -18.63
CA TYR A 585 8.32 19.26 -17.74
C TYR A 585 7.22 18.35 -18.27
N LYS A 586 6.62 17.56 -17.36
CA LYS A 586 5.61 16.59 -17.76
C LYS A 586 4.50 17.24 -18.59
N TYR A 587 4.11 18.46 -18.22
CA TYR A 587 3.00 19.11 -18.92
C TYR A 587 3.38 19.47 -20.36
N ILE A 588 4.53 20.13 -20.55
CA ILE A 588 4.96 20.46 -21.90
C ILE A 588 5.25 19.20 -22.70
N ARG A 589 5.92 18.22 -22.08
CA ARG A 589 6.19 16.97 -22.78
C ARG A 589 4.91 16.32 -23.27
N SER A 590 3.87 16.32 -22.43
CA SER A 590 2.59 15.75 -22.83
C SER A 590 2.03 16.50 -24.03
N CYS A 591 2.15 17.83 -24.04
CA CYS A 591 1.63 18.61 -25.15
C CYS A 591 2.31 18.23 -26.47
N ILE A 592 3.63 18.01 -26.43
CA ILE A 592 4.35 17.60 -27.64
C ILE A 592 3.82 16.27 -28.14
N MET A 593 3.68 15.29 -27.24
CA MET A 593 3.16 13.98 -27.61
C MET A 593 1.78 14.11 -28.25
N LEU A 594 0.88 14.85 -27.61
CA LEU A 594 -0.50 14.94 -28.05
C LEU A 594 -0.72 15.97 -29.15
N GLY A 595 0.28 16.79 -29.46
CA GLY A 595 0.09 17.84 -30.46
C GLY A 595 -0.84 18.93 -30.00
N ARG A 596 -0.74 19.34 -28.75
CA ARG A 596 -1.59 20.36 -28.15
C ARG A 596 -0.77 21.59 -27.80
N MET A 597 -1.45 22.73 -27.76
CA MET A 597 -0.79 24.01 -27.48
C MET A 597 -0.54 24.15 -25.98
N PRO A 598 0.71 24.29 -25.54
CA PRO A 598 0.94 24.62 -24.12
C PRO A 598 0.43 26.01 -23.78
N ASN A 599 -0.31 26.11 -22.69
CA ASN A 599 -0.85 27.35 -22.16
C ASN A 599 -0.22 27.59 -20.78
N LEU A 600 0.60 28.63 -20.68
CA LEU A 600 1.24 29.01 -19.43
C LEU A 600 0.76 30.40 -19.04
N MET A 601 0.73 30.64 -17.73
CA MET A 601 0.32 31.93 -17.19
C MET A 601 1.51 32.58 -16.49
N LEU A 602 1.78 33.83 -16.84
CA LEU A 602 2.78 34.61 -16.14
C LEU A 602 2.21 35.06 -14.80
N MET A 603 2.95 34.79 -13.72
CA MET A 603 2.47 35.03 -12.37
C MET A 603 3.60 35.57 -11.51
N ALA A 604 3.26 36.48 -10.60
CA ALA A 604 4.25 37.09 -9.72
C ALA A 604 4.62 36.14 -8.59
N LYS A 605 5.91 36.03 -8.30
CA LYS A 605 6.38 35.18 -7.20
C LYS A 605 5.75 35.62 -5.88
N GLU A 606 5.61 36.94 -5.67
CA GLU A 606 5.03 37.43 -4.43
C GLU A 606 3.63 36.90 -4.21
N SER A 607 2.89 36.66 -5.30
CA SER A 607 1.57 36.04 -5.16
C SER A 607 1.69 34.57 -4.79
N LEU A 608 2.72 33.88 -5.30
CA LEU A 608 2.93 32.48 -4.94
C LEU A 608 3.45 32.32 -3.52
N TYR A 609 4.25 33.28 -3.05
CA TYR A 609 4.86 33.14 -1.72
C TYR A 609 3.85 33.44 -0.62
N SER A 610 3.04 34.49 -0.79
CA SER A 610 1.95 34.72 0.16
C SER A 610 0.97 33.56 0.15
N GLN A 611 0.86 32.84 -0.98
CA GLN A 611 0.05 31.64 -1.05
C GLN A 611 0.61 30.50 -0.20
N LEU A 612 1.85 30.62 0.28
CA LEU A 612 2.44 29.64 1.18
C LEU A 612 2.59 30.24 2.56
N PRO A 613 1.79 29.85 3.55
CA PRO A 613 2.00 30.36 4.91
C PRO A 613 3.35 29.91 5.44
N MET A 614 4.09 30.87 5.98
CA MET A 614 5.33 30.53 6.68
C MET A 614 4.97 29.82 7.98
N ASP A 615 5.47 28.61 8.16
CA ASP A 615 5.16 27.79 9.32
C ASP A 615 6.45 27.45 10.06
N CYS A 616 6.31 27.19 11.36
CA CYS A 616 7.41 26.78 12.21
C CYS A 616 7.12 25.39 12.75
N PHE A 617 8.18 24.69 13.12
CA PHE A 617 8.09 23.31 13.62
C PHE A 617 8.46 23.30 15.10
N THR A 618 7.54 22.80 15.93
CA THR A 618 7.73 22.72 17.37
C THR A 618 7.93 21.25 17.77
N MET A 619 8.98 21.00 18.54
CA MET A 619 9.20 19.68 19.09
C MET A 619 8.06 19.31 20.03
N PRO A 620 7.45 18.13 19.90
CA PRO A 620 6.38 17.75 20.83
C PRO A 620 6.89 17.47 22.23
N SER A 621 5.97 17.14 23.15
CA SER A 621 6.34 16.99 24.55
C SER A 621 7.12 15.70 24.82
N TYR A 622 6.98 14.69 23.95
CA TYR A 622 7.67 13.42 24.17
C TYR A 622 9.10 13.43 23.62
N SER A 623 9.56 14.55 23.08
CA SER A 623 10.97 14.69 22.74
C SER A 623 11.85 14.65 23.97
N ARG A 624 11.29 14.80 25.17
CA ARG A 624 12.02 14.70 26.42
C ARG A 624 11.70 13.38 27.12
N SER A 638 26.68 -5.78 32.30
CA SER A 638 27.59 -6.91 32.14
C SER A 638 27.45 -7.53 30.74
N THR A 639 26.25 -8.03 30.49
CA THR A 639 25.82 -8.69 29.24
C THR A 639 26.75 -9.85 28.91
N LYS A 640 27.05 -10.08 27.62
CA LYS A 640 27.73 -11.28 27.12
C LYS A 640 27.70 -11.22 25.60
N SER A 641 28.41 -12.12 24.92
CA SER A 641 28.42 -12.17 23.46
C SER A 641 27.76 -13.45 22.97
N LEU A 642 26.93 -13.32 21.92
CA LEU A 642 26.30 -14.48 21.32
C LEU A 642 27.33 -15.51 20.89
N TRP A 643 28.44 -15.07 20.30
CA TRP A 643 29.43 -15.98 19.76
C TRP A 643 30.25 -16.67 20.84
N VAL A 644 30.09 -16.29 22.11
CA VAL A 644 30.77 -16.97 23.20
C VAL A 644 30.06 -18.23 23.66
N ILE A 645 28.76 -18.36 23.39
CA ILE A 645 27.96 -19.43 23.99
C ILE A 645 28.22 -20.72 23.23
N ASN A 646 28.69 -21.74 23.95
CA ASN A 646 28.77 -23.09 23.40
C ASN A 646 27.50 -23.82 23.80
N SER A 647 26.63 -24.06 22.83
CA SER A 647 25.33 -24.64 23.07
C SER A 647 24.54 -24.63 21.75
N ALA A 648 23.47 -25.41 21.67
CA ALA A 648 22.59 -25.36 20.51
C ALA A 648 21.34 -24.56 20.86
N LEU A 649 20.48 -24.37 19.86
CA LEU A 649 19.29 -23.53 20.02
C LEU A 649 18.13 -24.41 20.44
N ARG A 650 17.53 -24.08 21.58
CA ARG A 650 16.33 -24.78 22.04
C ARG A 650 15.33 -23.76 22.58
N ILE A 651 14.05 -24.01 22.29
CA ILE A 651 12.97 -23.17 22.74
C ILE A 651 11.89 -24.07 23.32
N LYS A 652 11.31 -23.66 24.45
CA LYS A 652 10.30 -24.45 25.13
C LYS A 652 8.92 -23.93 24.79
N ILE A 653 8.05 -24.82 24.32
CA ILE A 653 6.64 -24.53 24.06
C ILE A 653 5.86 -24.97 25.29
N LEU A 654 5.18 -24.03 25.95
CA LEU A 654 4.49 -24.32 27.21
C LEU A 654 3.05 -24.76 26.95
N CYS A 655 2.19 -23.82 26.54
CA CYS A 655 0.78 -24.14 26.36
C CYS A 655 0.12 -23.01 25.57
N ALA A 656 -1.16 -23.20 25.27
CA ALA A 656 -1.99 -22.20 24.59
C ALA A 656 -3.29 -22.07 25.34
N THR A 657 -3.78 -20.84 25.47
CA THR A 657 -4.98 -20.59 26.27
C THR A 657 -6.18 -21.34 25.68
N TYR A 658 -6.37 -21.25 24.37
CA TYR A 658 -7.42 -22.02 23.72
C TYR A 658 -7.14 -22.06 22.23
N VAL A 659 -8.00 -22.78 21.50
CA VAL A 659 -8.03 -22.79 20.04
C VAL A 659 -9.46 -23.11 19.65
N ASN A 660 -9.86 -22.69 18.45
CA ASN A 660 -11.19 -22.97 17.93
C ASN A 660 -11.10 -24.13 16.95
N VAL A 661 -11.59 -25.30 17.38
CA VAL A 661 -11.60 -26.50 16.55
C VAL A 661 -12.75 -27.38 17.01
N ASN A 662 -13.24 -28.22 16.09
CA ASN A 662 -14.24 -29.22 16.43
C ASN A 662 -13.55 -30.46 16.98
N ILE A 663 -14.10 -31.00 18.06
CA ILE A 663 -13.56 -32.22 18.66
C ILE A 663 -13.84 -33.41 17.76
N ILE A 666 -11.63 -32.56 13.70
CA ILE A 666 -10.21 -32.58 14.02
C ILE A 666 -9.91 -33.55 15.16
N ASP A 667 -8.77 -34.23 15.07
CA ASP A 667 -8.36 -35.23 16.06
C ASP A 667 -7.32 -34.67 17.03
N LYS A 668 -6.15 -34.29 16.52
CA LYS A 668 -5.04 -33.81 17.35
C LYS A 668 -4.59 -32.44 16.87
N ILE A 669 -3.86 -31.74 17.75
CA ILE A 669 -3.26 -30.45 17.42
C ILE A 669 -1.81 -30.46 17.90
N TYR A 670 -1.01 -29.58 17.32
CA TYR A 670 0.39 -29.45 17.71
C TYR A 670 0.90 -28.07 17.31
N VAL A 671 2.02 -27.69 17.91
CA VAL A 671 2.69 -26.42 17.61
C VAL A 671 3.83 -26.70 16.66
N ARG A 672 3.74 -26.14 15.45
CA ARG A 672 4.79 -26.25 14.45
C ARG A 672 5.67 -25.02 14.50
N THR A 673 6.99 -25.24 14.54
CA THR A 673 7.95 -24.15 14.68
C THR A 673 9.04 -24.27 13.62
N GLY A 674 9.74 -23.17 13.41
CA GLY A 674 10.91 -23.18 12.55
C GLY A 674 11.66 -21.86 12.69
N ILE A 675 12.94 -21.93 12.38
CA ILE A 675 13.83 -20.76 12.41
C ILE A 675 14.08 -20.36 10.97
N TYR A 676 13.76 -19.10 10.63
CA TYR A 676 13.80 -18.64 9.25
C TYR A 676 14.67 -17.39 9.13
N HIS A 677 15.39 -17.32 8.02
CA HIS A 677 16.10 -16.12 7.58
C HIS A 677 15.48 -15.74 6.24
N GLY A 678 14.74 -14.63 6.21
CA GLY A 678 13.95 -14.33 5.04
C GLY A 678 12.80 -15.30 4.95
N GLY A 679 12.58 -15.85 3.76
CA GLY A 679 11.65 -16.94 3.56
C GLY A 679 12.28 -18.31 3.63
N GLU A 680 13.61 -18.36 3.79
CA GLU A 680 14.42 -19.58 3.78
C GLU A 680 14.56 -20.12 5.20
N PRO A 681 14.23 -21.39 5.45
CA PRO A 681 14.55 -21.96 6.77
C PRO A 681 16.04 -22.21 6.93
N LEU A 682 16.52 -21.99 8.16
CA LEU A 682 17.91 -22.22 8.52
C LEU A 682 18.16 -23.65 9.00
N CYS A 683 17.11 -24.48 9.07
CA CYS A 683 17.18 -25.84 9.56
C CYS A 683 15.78 -26.41 9.43
N ASP A 684 15.68 -27.73 9.53
CA ASP A 684 14.38 -28.37 9.38
C ASP A 684 13.43 -27.90 10.48
N ASN A 685 12.14 -27.87 10.16
CA ASN A 685 11.15 -27.48 11.16
C ASN A 685 11.12 -28.50 12.28
N VAL A 686 10.68 -28.05 13.46
CA VAL A 686 10.54 -28.88 14.65
C VAL A 686 9.12 -28.75 15.14
N ASN A 687 8.50 -29.89 15.47
CA ASN A 687 7.13 -29.92 15.96
C ASN A 687 7.10 -30.42 17.40
N THR A 688 6.13 -29.92 18.15
CA THR A 688 5.83 -30.50 19.46
C THR A 688 5.11 -31.83 19.25
N GLN A 689 4.81 -32.50 20.35
CA GLN A 689 4.04 -33.74 20.29
C GLN A 689 2.56 -33.43 20.11
N ARG A 690 1.84 -34.37 19.52
CA ARG A 690 0.41 -34.18 19.29
C ARG A 690 -0.37 -34.35 20.58
N VAL A 691 -1.42 -33.55 20.72
CA VAL A 691 -2.22 -33.49 21.95
C VAL A 691 -3.69 -33.34 21.57
N PRO A 692 -4.59 -33.89 22.40
CA PRO A 692 -6.02 -33.69 22.13
C PRO A 692 -6.39 -32.21 22.11
N CYS A 693 -7.33 -31.86 21.23
CA CYS A 693 -7.75 -30.48 21.09
C CYS A 693 -8.27 -29.91 22.39
N SER A 694 -8.84 -30.75 23.25
CA SER A 694 -9.44 -30.27 24.49
C SER A 694 -8.39 -29.69 25.43
N ASN A 695 -7.13 -30.14 25.33
CA ASN A 695 -6.08 -29.78 26.28
C ASN A 695 -4.82 -29.38 25.52
N PRO A 696 -4.66 -28.05 25.15
CA PRO A 696 -3.43 -27.60 24.47
C PRO A 696 -2.29 -27.29 25.45
N ARG A 697 -1.64 -28.35 25.91
CA ARG A 697 -0.51 -28.25 26.84
C ARG A 697 0.61 -29.14 26.35
N TRP A 698 1.84 -28.60 26.38
CA TRP A 698 3.01 -29.31 25.86
C TRP A 698 4.13 -29.35 26.88
N ASN A 699 4.68 -28.18 27.25
CA ASN A 699 5.78 -28.08 28.20
C ASN A 699 7.00 -28.85 27.69
N GLU A 700 7.24 -28.77 26.38
CA GLU A 700 8.24 -29.57 25.70
C GLU A 700 9.35 -28.68 25.16
N TRP A 701 10.59 -29.14 25.31
CA TRP A 701 11.74 -28.46 24.73
C TRP A 701 11.93 -28.91 23.29
N LEU A 702 11.97 -27.95 22.38
CA LEU A 702 12.24 -28.22 20.96
C LEU A 702 13.69 -27.93 20.67
N ASN A 703 14.41 -28.93 20.19
CA ASN A 703 15.83 -28.80 19.86
C ASN A 703 15.96 -28.60 18.35
N TYR A 704 16.54 -27.47 17.97
CA TYR A 704 16.76 -27.11 16.58
C TYR A 704 18.22 -27.40 16.23
N ASP A 705 18.46 -27.79 14.98
CA ASP A 705 19.82 -28.09 14.56
C ASP A 705 20.38 -26.80 14.02
N ILE A 706 21.25 -26.18 14.82
CA ILE A 706 21.91 -24.91 14.52
C ILE A 706 22.65 -24.54 15.81
N TYR A 707 23.61 -23.63 15.70
CA TYR A 707 24.54 -23.33 16.77
C TYR A 707 24.39 -21.86 17.12
N ILE A 708 24.22 -21.55 18.42
CA ILE A 708 23.93 -20.18 18.83
C ILE A 708 24.86 -19.18 18.15
N PRO A 709 26.18 -19.40 18.08
CA PRO A 709 27.04 -18.46 17.34
C PRO A 709 26.75 -18.42 15.85
N ASP A 710 26.09 -19.44 15.30
CA ASP A 710 25.73 -19.47 13.89
C ASP A 710 24.45 -18.71 13.59
N LEU A 711 23.75 -18.23 14.61
CA LEU A 711 22.45 -17.63 14.40
C LEU A 711 22.60 -16.25 13.75
N PRO A 712 22.08 -16.02 12.55
CA PRO A 712 22.27 -14.72 11.90
C PRO A 712 21.44 -13.62 12.55
N ARG A 713 21.87 -12.39 12.31
CA ARG A 713 21.31 -11.24 13.01
C ARG A 713 19.80 -11.12 12.76
N ALA A 714 19.36 -11.42 11.54
CA ALA A 714 17.97 -11.21 11.15
C ALA A 714 17.10 -12.45 11.36
N ALA A 715 17.64 -13.51 11.95
CA ALA A 715 16.87 -14.74 12.14
C ALA A 715 15.58 -14.45 12.90
N ARG A 716 14.51 -15.14 12.49
CA ARG A 716 13.19 -14.99 13.11
CA ARG A 716 13.20 -14.98 13.12
C ARG A 716 12.62 -16.36 13.43
N LEU A 717 11.86 -16.43 14.51
CA LEU A 717 11.14 -17.65 14.88
C LEU A 717 9.75 -17.56 14.29
N CYS A 718 9.38 -18.57 13.50
CA CYS A 718 8.05 -18.67 12.91
C CYS A 718 7.37 -19.91 13.48
N LEU A 719 6.19 -19.72 14.07
CA LEU A 719 5.47 -20.82 14.68
C LEU A 719 3.98 -20.69 14.40
N SER A 720 3.29 -21.82 14.56
CA SER A 720 1.86 -21.90 14.29
C SER A 720 1.29 -23.06 15.09
N ILE A 721 -0.02 -23.05 15.28
CA ILE A 721 -0.76 -24.18 15.82
C ILE A 721 -1.50 -24.85 14.68
N CYS A 722 -1.27 -26.15 14.51
CA CYS A 722 -1.85 -26.92 13.42
C CYS A 722 -2.72 -28.04 13.98
N SER A 723 -3.68 -28.48 13.18
CA SER A 723 -4.53 -29.62 13.49
C SER A 723 -4.31 -30.72 12.46
N VAL A 724 -4.60 -31.95 12.87
CA VAL A 724 -4.47 -33.12 12.01
C VAL A 724 -5.80 -33.84 12.00
N LYS A 725 -6.45 -33.89 10.83
CA LYS A 725 -7.67 -34.65 10.67
C LYS A 725 -7.32 -36.11 10.38
N GLY A 726 -7.98 -37.02 11.10
CA GLY A 726 -7.72 -38.44 10.94
C GLY A 726 -8.20 -38.98 9.60
N ALA A 730 -6.33 -41.96 5.23
CA ALA A 730 -6.87 -40.61 5.24
C ALA A 730 -5.82 -39.59 4.84
N LYS A 731 -4.56 -40.02 4.82
CA LYS A 731 -3.44 -39.20 4.35
C LYS A 731 -3.04 -38.12 5.34
N GLU A 732 -3.79 -37.96 6.44
CA GLU A 732 -3.47 -37.01 7.50
C GLU A 732 -3.37 -35.58 6.96
N GLU A 733 -4.55 -35.04 6.62
CA GLU A 733 -4.62 -33.64 6.22
C GLU A 733 -4.24 -32.72 7.38
N HIS A 734 -3.32 -31.79 7.11
CA HIS A 734 -2.87 -30.79 8.07
C HIS A 734 -3.42 -29.43 7.69
N CYS A 735 -3.74 -28.61 8.70
CA CYS A 735 -4.09 -27.23 8.42
C CYS A 735 -3.63 -26.31 9.55
N PRO A 736 -3.26 -25.06 9.22
CA PRO A 736 -2.73 -24.10 10.21
C PRO A 736 -3.75 -23.29 11.00
N LEU A 737 -4.24 -23.74 12.16
CA LEU A 737 -5.22 -22.96 12.91
C LEU A 737 -4.80 -21.49 13.08
N ALA A 738 -3.61 -21.22 13.61
CA ALA A 738 -3.17 -19.85 13.88
C ALA A 738 -1.65 -19.77 13.84
N TRP A 739 -1.13 -18.55 13.70
CA TRP A 739 0.28 -18.33 13.42
C TRP A 739 0.80 -17.07 14.11
N GLY A 740 2.13 -16.97 14.19
CA GLY A 740 2.79 -15.77 14.70
C GLY A 740 4.28 -15.87 14.53
N ASN A 741 4.93 -14.70 14.51
CA ASN A 741 6.36 -14.60 14.27
C ASN A 741 7.03 -13.70 15.31
N ILE A 742 8.32 -13.92 15.50
CA ILE A 742 9.12 -13.20 16.49
C ILE A 742 10.52 -12.97 15.94
N ASN A 743 11.07 -11.78 16.22
CA ASN A 743 12.49 -11.52 15.98
C ASN A 743 13.31 -12.09 17.14
N LEU A 744 14.24 -12.99 16.82
CA LEU A 744 15.06 -13.59 17.86
C LEU A 744 16.06 -12.62 18.47
N PHE A 745 16.29 -11.46 17.84
CA PHE A 745 17.03 -10.36 18.44
C PHE A 745 16.15 -9.12 18.41
N ASP A 746 16.01 -8.46 19.55
CA ASP A 746 15.31 -7.19 19.63
C ASP A 746 16.16 -6.07 19.03
N TYR A 747 15.52 -4.93 18.76
CA TYR A 747 16.17 -3.81 18.09
C TYR A 747 17.42 -3.31 18.81
N THR A 748 17.65 -3.71 20.06
CA THR A 748 18.89 -3.40 20.76
C THR A 748 19.96 -4.46 20.54
N ASP A 749 19.71 -5.44 19.67
CA ASP A 749 20.61 -6.56 19.44
C ASP A 749 20.67 -7.52 20.63
N THR A 750 19.61 -7.58 21.43
CA THR A 750 19.52 -8.50 22.56
C THR A 750 18.80 -9.77 22.14
N LEU A 751 19.43 -10.91 22.38
CA LEU A 751 18.80 -12.20 22.13
C LEU A 751 17.65 -12.42 23.10
N VAL A 752 16.52 -12.93 22.59
CA VAL A 752 15.35 -13.11 23.44
C VAL A 752 15.68 -14.06 24.59
N SER A 753 15.06 -13.82 25.74
CA SER A 753 15.29 -14.63 26.92
C SER A 753 14.06 -14.59 27.79
N GLY A 754 13.91 -15.62 28.63
CA GLY A 754 12.84 -15.68 29.60
C GLY A 754 11.55 -16.22 29.00
N LYS A 755 10.46 -15.90 29.68
CA LYS A 755 9.13 -16.36 29.30
C LYS A 755 8.43 -15.29 28.48
N MET A 756 7.67 -15.72 27.48
CA MET A 756 6.99 -14.82 26.56
C MET A 756 5.60 -15.34 26.25
N ALA A 757 4.63 -14.44 26.23
CA ALA A 757 3.27 -14.73 25.77
C ALA A 757 3.09 -14.08 24.41
N LEU A 758 2.58 -14.86 23.45
CA LEU A 758 2.40 -14.39 22.07
C LEU A 758 0.96 -14.67 21.65
N ASN A 759 0.21 -13.59 21.41
CA ASN A 759 -1.12 -13.72 20.82
C ASN A 759 -0.97 -13.88 19.31
N LEU A 760 -1.67 -14.86 18.76
CA LEU A 760 -1.45 -15.25 17.37
C LEU A 760 -2.45 -14.54 16.45
N TRP A 761 -2.29 -14.77 15.15
CA TRP A 761 -3.06 -14.08 14.13
C TRP A 761 -3.92 -15.08 13.36
N PRO A 762 -5.06 -14.64 12.82
CA PRO A 762 -5.80 -15.52 11.91
C PRO A 762 -5.03 -15.74 10.62
N VAL A 763 -5.29 -16.87 9.98
CA VAL A 763 -4.54 -17.24 8.79
C VAL A 763 -5.02 -16.40 7.62
N PRO A 764 -4.13 -15.91 6.76
CA PRO A 764 -4.58 -15.20 5.56
C PRO A 764 -5.46 -16.10 4.71
N HIS A 765 -6.28 -15.46 3.87
CA HIS A 765 -7.35 -16.14 3.17
C HIS A 765 -6.89 -17.42 2.49
N GLY A 766 -6.01 -17.30 1.50
CA GLY A 766 -5.69 -18.43 0.64
C GLY A 766 -4.38 -19.13 0.94
N LEU A 767 -3.86 -18.99 2.16
CA LEU A 767 -2.56 -19.57 2.50
C LEU A 767 -2.79 -20.98 3.05
N GLU A 768 -2.31 -21.97 2.32
CA GLU A 768 -2.41 -23.37 2.71
C GLU A 768 -1.14 -23.90 3.37
N ASP A 769 -0.07 -23.10 3.46
CA ASP A 769 1.16 -23.56 4.10
C ASP A 769 0.98 -23.58 5.61
N LEU A 770 1.77 -24.43 6.27
CA LEU A 770 1.64 -24.62 7.71
C LEU A 770 2.31 -23.51 8.52
N LEU A 771 3.19 -22.73 7.90
CA LEU A 771 3.82 -21.58 8.54
C LEU A 771 3.70 -20.37 7.63
N ASN A 772 3.96 -19.18 8.20
CA ASN A 772 3.77 -17.92 7.49
C ASN A 772 4.97 -17.02 7.74
N PRO A 773 6.14 -17.38 7.19
CA PRO A 773 7.33 -16.54 7.39
C PRO A 773 7.23 -15.15 6.81
N ILE A 774 6.42 -14.93 5.76
CA ILE A 774 6.29 -13.59 5.21
C ILE A 774 5.53 -12.67 6.16
N GLY A 775 4.69 -13.23 7.04
CA GLY A 775 3.89 -12.40 7.92
C GLY A 775 4.74 -11.54 8.84
N VAL A 776 4.09 -10.53 9.40
CA VAL A 776 4.78 -9.55 10.23
C VAL A 776 5.09 -10.16 11.59
N THR A 777 6.18 -9.71 12.19
CA THR A 777 6.59 -10.12 13.53
C THR A 777 5.79 -9.38 14.60
N GLY A 778 5.71 -9.99 15.77
CA GLY A 778 5.14 -9.36 16.94
C GLY A 778 3.78 -9.96 17.31
N SER A 779 3.39 -9.72 18.55
CA SER A 779 2.14 -10.23 19.08
C SER A 779 0.95 -9.54 18.43
N ASN A 780 -0.20 -10.20 18.51
CA ASN A 780 -1.45 -9.61 18.04
C ASN A 780 -1.98 -8.63 19.07
N PRO A 781 -2.25 -7.38 18.70
CA PRO A 781 -2.81 -6.43 19.68
C PRO A 781 -4.13 -6.88 20.26
N ASN A 782 -4.85 -7.76 19.57
CA ASN A 782 -6.12 -8.29 20.06
C ASN A 782 -5.83 -9.48 20.96
N LYS A 783 -6.18 -9.35 22.24
CA LYS A 783 -5.85 -10.34 23.26
C LYS A 783 -6.97 -11.34 23.49
N GLU A 784 -8.03 -11.27 22.71
CA GLU A 784 -9.16 -12.20 22.77
C GLU A 784 -8.92 -13.43 21.90
N THR A 785 -7.71 -13.58 21.39
CA THR A 785 -7.29 -14.58 20.42
C THR A 785 -6.34 -15.57 21.08
N PRO A 786 -6.21 -16.77 20.54
CA PRO A 786 -5.37 -17.80 21.18
C PRO A 786 -3.98 -17.27 21.51
N CYS A 787 -3.53 -17.54 22.74
CA CYS A 787 -2.29 -17.00 23.28
C CYS A 787 -1.37 -18.15 23.65
N LEU A 788 -0.23 -18.23 22.96
CA LEU A 788 0.76 -19.27 23.18
C LEU A 788 1.87 -18.73 24.08
N GLU A 789 2.25 -19.50 25.09
CA GLU A 789 3.29 -19.11 26.04
C GLU A 789 4.58 -19.85 25.72
N LEU A 790 5.67 -19.10 25.64
CA LEU A 790 7.00 -19.63 25.31
C LEU A 790 7.95 -19.39 26.46
N GLU A 791 9.01 -20.20 26.50
CA GLU A 791 10.11 -20.00 27.43
C GLU A 791 11.41 -20.18 26.67
N PHE A 792 12.32 -19.23 26.82
CA PHE A 792 13.58 -19.22 26.11
C PHE A 792 14.73 -19.54 27.05
N ASP A 793 15.75 -20.18 26.49
CA ASP A 793 16.90 -20.61 27.28
C ASP A 793 17.56 -19.42 27.97
N TRP A 794 18.07 -19.66 29.17
CA TRP A 794 18.67 -18.63 30.01
C TRP A 794 20.17 -18.88 30.16
N PHE A 795 20.94 -17.80 30.03
CA PHE A 795 22.38 -17.80 30.22
C PHE A 795 22.72 -16.77 31.30
N SER A 796 23.95 -16.86 31.81
CA SER A 796 24.30 -16.17 33.05
C SER A 796 24.00 -14.68 33.02
N SER A 797 23.86 -14.08 31.83
CA SER A 797 23.57 -12.65 31.73
C SER A 797 22.89 -12.38 30.39
N VAL A 798 22.71 -11.10 30.08
CA VAL A 798 22.11 -10.69 28.82
C VAL A 798 23.03 -11.07 27.67
N VAL A 799 22.46 -11.59 26.59
CA VAL A 799 23.21 -12.02 25.42
C VAL A 799 22.98 -11.01 24.31
N LYS A 800 24.07 -10.49 23.75
CA LYS A 800 24.01 -9.48 22.70
C LYS A 800 24.75 -9.96 21.45
N PHE A 801 24.28 -9.51 20.30
CA PHE A 801 24.96 -9.80 19.05
C PHE A 801 26.31 -9.09 19.04
N PRO A 802 27.37 -9.72 18.52
CA PRO A 802 28.68 -9.08 18.53
C PRO A 802 28.70 -7.82 17.68
N ASP A 803 29.56 -6.88 18.07
CA ASP A 803 29.72 -5.66 17.30
C ASP A 803 30.64 -5.92 16.11
N MET A 804 30.85 -4.88 15.29
CA MET A 804 31.47 -5.09 13.99
C MET A 804 32.96 -5.42 14.10
N SER A 805 33.64 -4.93 15.13
CA SER A 805 35.07 -5.17 15.23
C SER A 805 35.38 -6.63 15.51
N VAL A 806 34.49 -7.33 16.22
CA VAL A 806 34.67 -8.76 16.45
C VAL A 806 34.30 -9.56 15.20
N ILE A 807 33.30 -9.12 14.45
CA ILE A 807 32.90 -9.80 13.22
C ILE A 807 34.06 -9.80 12.23
N GLU A 808 34.67 -8.63 12.01
CA GLU A 808 35.79 -8.53 11.08
C GLU A 808 36.97 -9.39 11.55
N GLU A 809 37.24 -9.38 12.86
CA GLU A 809 38.32 -10.21 13.38
C GLU A 809 38.03 -11.68 13.18
N HIS A 810 36.76 -12.08 13.33
CA HIS A 810 36.36 -13.45 13.04
C HIS A 810 36.44 -13.75 11.55
N ALA A 811 36.23 -12.72 10.71
CA ALA A 811 36.27 -12.93 9.26
C ALA A 811 37.70 -13.18 8.79
N ASN A 812 38.67 -12.44 9.32
CA ASN A 812 40.07 -12.69 8.99
C ASN A 812 40.50 -14.06 9.46
N TRP A 813 39.97 -14.54 10.59
CA TRP A 813 40.34 -15.86 11.07
C TRP A 813 39.82 -16.97 10.17
N SER A 814 38.68 -16.74 9.53
CA SER A 814 38.10 -17.78 8.67
C SER A 814 38.84 -17.88 7.34
N VAL A 815 39.24 -16.74 6.77
CA VAL A 815 40.00 -16.77 5.52
C VAL A 815 41.36 -17.44 5.73
N SER A 816 42.00 -17.16 6.88
CA SER A 816 43.32 -17.71 7.13
C SER A 816 43.29 -19.23 7.23
N ARG A 817 42.25 -19.78 7.85
CA ARG A 817 42.15 -21.23 8.01
C ARG A 817 41.54 -21.91 6.80
N GLU A 818 41.17 -21.16 5.76
CA GLU A 818 40.68 -21.74 4.51
C GLU A 818 41.80 -21.82 3.48
N LEU A 838 39.69 -17.18 -11.94
CA LEU A 838 40.34 -16.11 -12.69
C LEU A 838 40.67 -16.54 -14.10
N ARG A 839 39.71 -17.17 -14.76
CA ARG A 839 39.85 -17.64 -16.14
C ARG A 839 38.74 -17.05 -16.99
N GLU A 840 38.93 -17.10 -18.31
CA GLU A 840 37.98 -16.48 -19.23
C GLU A 840 36.58 -17.07 -19.07
N ASN A 841 36.49 -18.40 -18.92
CA ASN A 841 35.19 -19.03 -18.76
C ASN A 841 34.55 -18.67 -17.42
N ASP A 842 35.37 -18.39 -16.40
CA ASP A 842 34.82 -17.95 -15.12
C ASP A 842 34.18 -16.58 -15.25
N LYS A 843 34.87 -15.64 -15.89
CA LYS A 843 34.33 -14.30 -16.06
C LYS A 843 33.07 -14.31 -16.91
N GLU A 844 33.00 -15.21 -17.89
CA GLU A 844 31.80 -15.31 -18.72
C GLU A 844 30.65 -15.99 -17.97
N GLN A 845 30.95 -16.94 -17.09
CA GLN A 845 29.89 -17.56 -16.31
C GLN A 845 29.32 -16.59 -15.28
N LEU A 846 30.18 -15.78 -14.65
CA LEU A 846 29.71 -14.76 -13.72
C LEU A 846 28.79 -13.76 -14.44
N LYS A 847 29.21 -13.29 -15.61
CA LYS A 847 28.38 -12.38 -16.39
C LYS A 847 27.04 -13.02 -16.72
N ALA A 848 27.05 -14.32 -17.05
CA ALA A 848 25.81 -14.99 -17.42
C ALA A 848 24.88 -15.14 -16.21
N ILE A 849 25.43 -15.47 -15.05
CA ILE A 849 24.60 -15.65 -13.85
C ILE A 849 23.99 -14.33 -13.40
N SER A 850 24.65 -13.20 -13.69
CA SER A 850 24.14 -11.91 -13.25
C SER A 850 23.01 -11.40 -14.14
N THR A 851 22.89 -11.92 -15.37
CA THR A 851 21.83 -11.47 -16.27
C THR A 851 20.50 -12.14 -15.95
N ARG A 852 20.51 -13.39 -15.49
CA ARG A 852 19.27 -14.14 -15.36
C ARG A 852 18.38 -13.53 -14.27
N ASP A 853 17.09 -13.85 -14.35
CA ASP A 853 16.09 -13.15 -13.56
C ASP A 853 16.17 -13.54 -12.09
N PRO A 854 15.65 -12.69 -11.20
CA PRO A 854 15.73 -12.99 -9.76
C PRO A 854 15.12 -14.32 -9.37
N LEU A 855 14.13 -14.80 -10.12
CA LEU A 855 13.45 -16.06 -9.78
C LEU A 855 14.04 -17.26 -10.50
N SER A 856 15.11 -17.08 -11.28
CA SER A 856 15.74 -18.19 -11.96
C SER A 856 16.40 -19.13 -10.96
N GLU A 857 16.36 -20.43 -11.26
CA GLU A 857 16.98 -21.41 -10.40
C GLU A 857 18.49 -21.23 -10.38
N ILE A 858 19.10 -21.55 -9.24
CA ILE A 858 20.54 -21.53 -9.06
C ILE A 858 20.92 -22.82 -8.36
N THR A 859 21.78 -23.61 -9.00
CA THR A 859 22.15 -24.92 -8.48
C THR A 859 23.13 -24.77 -7.34
N GLU A 860 23.50 -25.90 -6.73
CA GLU A 860 24.50 -25.87 -5.66
C GLU A 860 25.91 -25.70 -6.22
N GLN A 861 26.17 -26.24 -7.40
CA GLN A 861 27.46 -26.02 -8.05
C GLN A 861 27.67 -24.54 -8.38
N GLU A 862 26.59 -23.82 -8.69
CA GLU A 862 26.69 -22.39 -8.96
C GLU A 862 26.84 -21.59 -7.67
N LYS A 863 26.20 -22.04 -6.58
CA LYS A 863 26.37 -21.36 -5.30
C LYS A 863 27.81 -21.48 -4.80
N ASP A 864 28.44 -22.63 -5.01
CA ASP A 864 29.84 -22.79 -4.63
C ASP A 864 30.74 -21.98 -5.56
N PHE A 865 30.42 -21.96 -6.85
CA PHE A 865 31.18 -21.19 -7.83
C PHE A 865 31.15 -19.70 -7.48
N LEU A 866 29.97 -19.17 -7.17
CA LEU A 866 29.85 -17.76 -6.83
C LEU A 866 30.56 -17.45 -5.52
N TRP A 867 30.46 -18.35 -4.54
CA TRP A 867 31.07 -18.10 -3.24
C TRP A 867 32.59 -18.25 -3.30
N SER A 868 33.08 -19.20 -4.09
CA SER A 868 34.53 -19.32 -4.27
C SER A 868 35.11 -18.08 -4.93
N HIS A 869 34.37 -17.47 -5.84
CA HIS A 869 34.79 -16.28 -6.58
C HIS A 869 34.31 -14.98 -5.94
N ARG A 870 33.73 -15.05 -4.74
CA ARG A 870 33.10 -13.89 -4.12
C ARG A 870 33.97 -12.64 -4.14
N HIS A 871 35.30 -12.80 -4.04
CA HIS A 871 36.17 -11.62 -4.05
C HIS A 871 36.25 -10.98 -5.43
N TYR A 872 36.08 -11.77 -6.49
CA TYR A 872 36.06 -11.23 -7.85
C TYR A 872 34.70 -10.69 -8.24
N CYS A 873 33.64 -11.01 -7.50
CA CYS A 873 32.32 -10.49 -7.80
C CYS A 873 32.25 -8.97 -7.64
N VAL A 874 33.20 -8.38 -6.93
CA VAL A 874 33.20 -6.93 -6.73
C VAL A 874 33.28 -6.20 -8.06
N THR A 875 33.90 -6.83 -9.07
CA THR A 875 34.02 -6.20 -10.38
C THR A 875 32.75 -6.29 -11.21
N ILE A 876 31.80 -7.14 -10.81
CA ILE A 876 30.49 -7.21 -11.45
C ILE A 876 29.46 -6.93 -10.35
N PRO A 877 29.35 -5.68 -9.89
CA PRO A 877 28.60 -5.43 -8.64
C PRO A 877 27.14 -5.84 -8.69
N GLU A 878 26.52 -5.87 -9.87
CA GLU A 878 25.11 -6.22 -9.96
C GLU A 878 24.86 -7.70 -9.70
N ILE A 879 25.91 -8.51 -9.57
CA ILE A 879 25.75 -9.93 -9.22
C ILE A 879 25.45 -10.13 -7.75
N LEU A 880 25.52 -9.06 -6.94
CA LEU A 880 25.43 -9.19 -5.49
C LEU A 880 24.22 -9.99 -5.02
N PRO A 881 23.00 -9.76 -5.50
CA PRO A 881 21.87 -10.60 -5.07
C PRO A 881 22.12 -12.09 -5.28
N LYS A 882 22.67 -12.48 -6.44
CA LYS A 882 22.96 -13.89 -6.66
C LYS A 882 24.03 -14.41 -5.71
N LEU A 883 24.98 -13.56 -5.34
CA LEU A 883 26.01 -13.98 -4.38
C LEU A 883 25.41 -14.17 -2.99
N LEU A 884 24.53 -13.26 -2.56
CA LEU A 884 23.92 -13.38 -1.24
C LEU A 884 23.14 -14.68 -1.10
N LEU A 885 22.48 -15.13 -2.17
CA LEU A 885 21.78 -16.41 -2.13
C LEU A 885 22.75 -17.57 -1.98
N SER A 886 23.98 -17.41 -2.49
CA SER A 886 24.98 -18.48 -2.38
C SER A 886 25.53 -18.61 -0.98
N VAL A 887 25.39 -17.58 -0.14
CA VAL A 887 25.91 -17.63 1.21
C VAL A 887 25.15 -18.66 2.02
N LYS A 888 25.85 -19.30 2.96
CA LYS A 888 25.20 -20.11 3.99
C LYS A 888 24.97 -19.21 5.18
N TRP A 889 23.71 -18.88 5.44
CA TRP A 889 23.35 -17.92 6.47
C TRP A 889 23.24 -18.56 7.84
N ASN A 890 23.27 -19.89 7.91
CA ASN A 890 23.38 -20.61 9.17
C ASN A 890 24.83 -20.87 9.56
N SER A 891 25.78 -20.29 8.83
CA SER A 891 27.20 -20.34 9.17
C SER A 891 27.70 -18.92 9.40
N ARG A 892 28.14 -18.64 10.64
CA ARG A 892 28.70 -17.33 10.93
C ARG A 892 30.03 -17.13 10.23
N ASP A 893 30.75 -18.21 9.92
CA ASP A 893 32.03 -18.09 9.21
C ASP A 893 31.83 -17.43 7.85
N GLU A 894 30.77 -17.81 7.13
CA GLU A 894 30.52 -17.23 5.82
C GLU A 894 29.85 -15.86 5.92
N VAL A 895 28.93 -15.68 6.86
CA VAL A 895 28.23 -14.40 6.98
C VAL A 895 29.20 -13.31 7.41
N ALA A 896 30.14 -13.64 8.30
CA ALA A 896 31.14 -12.65 8.71
C ALA A 896 31.97 -12.18 7.52
N GLN A 897 32.33 -13.10 6.63
CA GLN A 897 33.07 -12.71 5.43
C GLN A 897 32.19 -11.88 4.49
N MET A 898 30.89 -12.19 4.43
CA MET A 898 30.01 -11.44 3.55
C MET A 898 29.83 -10.01 4.03
N TYR A 899 29.87 -9.78 5.35
CA TYR A 899 29.76 -8.43 5.86
C TYR A 899 30.94 -7.58 5.43
N CYS A 900 32.15 -8.12 5.49
CA CYS A 900 33.33 -7.34 5.09
C CYS A 900 33.32 -7.02 3.60
N LEU A 901 32.60 -7.80 2.79
CA LEU A 901 32.44 -7.48 1.38
C LEU A 901 31.38 -6.40 1.17
N VAL A 902 30.25 -6.49 1.90
CA VAL A 902 29.13 -5.60 1.65
C VAL A 902 29.49 -4.17 2.04
N LYS A 903 30.25 -4.00 3.12
CA LYS A 903 30.55 -2.64 3.57
C LYS A 903 31.37 -1.89 2.53
N ASP A 904 32.26 -2.59 1.83
CA ASP A 904 33.08 -2.01 0.76
C ASP A 904 32.48 -2.20 -0.62
N TRP A 905 31.29 -2.79 -0.73
CA TRP A 905 30.75 -3.15 -2.02
C TRP A 905 30.51 -1.90 -2.87
N PRO A 906 30.77 -1.95 -4.17
CA PRO A 906 30.51 -0.78 -5.03
C PRO A 906 29.02 -0.51 -5.14
N PRO A 907 28.63 0.72 -5.46
CA PRO A 907 27.20 1.02 -5.61
C PRO A 907 26.62 0.40 -6.88
N ILE A 908 25.30 0.29 -6.90
CA ILE A 908 24.58 -0.30 -8.03
C ILE A 908 23.33 0.53 -8.31
N LYS A 909 22.79 0.34 -9.51
CA LYS A 909 21.65 1.13 -9.95
C LYS A 909 20.48 0.94 -8.99
N PRO A 910 19.69 1.99 -8.71
CA PRO A 910 18.58 1.83 -7.74
C PRO A 910 17.59 0.74 -8.10
N GLU A 911 17.26 0.59 -9.39
CA GLU A 911 16.34 -0.49 -9.78
C GLU A 911 16.89 -1.85 -9.36
N GLN A 912 18.21 -2.03 -9.38
CA GLN A 912 18.83 -3.26 -8.91
C GLN A 912 18.89 -3.32 -7.39
N ALA A 913 19.15 -2.18 -6.74
CA ALA A 913 19.25 -2.15 -5.29
C ALA A 913 17.90 -2.38 -4.62
N MET A 914 16.81 -1.97 -5.27
CA MET A 914 15.47 -2.17 -4.71
C MET A 914 15.21 -3.64 -4.40
N GLU A 915 15.81 -4.56 -5.18
CA GLU A 915 15.59 -5.98 -4.95
C GLU A 915 16.06 -6.38 -3.56
N LEU A 916 17.17 -5.83 -3.10
CA LEU A 916 17.71 -6.16 -1.79
C LEU A 916 16.82 -5.71 -0.65
N LEU A 917 15.75 -4.97 -0.94
CA LEU A 917 14.78 -4.56 0.07
C LEU A 917 13.56 -5.46 0.14
N ASP A 918 13.48 -6.52 -0.66
CA ASP A 918 12.31 -7.39 -0.63
C ASP A 918 12.46 -8.41 0.50
N CYS A 919 11.47 -9.31 0.61
CA CYS A 919 11.39 -10.23 1.73
C CYS A 919 12.50 -11.28 1.76
N ASN A 920 13.30 -11.40 0.70
CA ASN A 920 14.36 -12.40 0.64
C ASN A 920 15.68 -11.91 1.22
N TYR A 921 15.78 -10.64 1.60
CA TYR A 921 17.05 -10.05 2.03
C TYR A 921 16.85 -9.33 3.36
N PRO A 922 16.61 -10.08 4.43
CA PRO A 922 16.37 -9.46 5.74
C PRO A 922 17.60 -8.83 6.38
N ASP A 923 18.81 -9.18 5.96
CA ASP A 923 19.98 -8.84 6.75
C ASP A 923 20.16 -7.32 6.83
N PRO A 924 20.49 -6.78 8.01
CA PRO A 924 20.64 -5.31 8.11
C PRO A 924 21.74 -4.74 7.24
N MET A 925 22.89 -5.41 7.16
CA MET A 925 24.00 -4.90 6.35
C MET A 925 23.61 -4.84 4.88
N VAL A 926 22.95 -5.89 4.39
CA VAL A 926 22.47 -5.89 3.01
C VAL A 926 21.48 -4.76 2.79
N ARG A 927 20.51 -4.62 3.69
CA ARG A 927 19.48 -3.60 3.54
C ARG A 927 20.06 -2.20 3.67
N GLY A 928 20.95 -1.99 4.65
CA GLY A 928 21.59 -0.70 4.77
C GLY A 928 22.36 -0.31 3.52
N PHE A 929 22.98 -1.29 2.86
CA PHE A 929 23.68 -1.02 1.60
C PHE A 929 22.70 -0.59 0.52
N ALA A 930 21.52 -1.21 0.47
CA ALA A 930 20.54 -0.86 -0.55
C ALA A 930 20.02 0.56 -0.35
N VAL A 931 19.84 0.98 0.90
CA VAL A 931 19.32 2.32 1.15
C VAL A 931 20.37 3.38 0.83
N ARG A 932 21.64 3.09 1.14
CA ARG A 932 22.70 4.01 0.74
C ARG A 932 22.78 4.13 -0.77
N CYS A 933 22.49 3.05 -1.50
CA CYS A 933 22.41 3.14 -2.95
C CYS A 933 21.27 4.04 -3.37
N LEU A 934 20.10 3.90 -2.75
CA LEU A 934 18.98 4.78 -3.07
C LEU A 934 19.28 6.21 -2.67
N GLU A 935 19.94 6.41 -1.53
CA GLU A 935 20.20 7.77 -1.06
C GLU A 935 20.99 8.57 -2.08
N LYS A 936 22.05 7.98 -2.63
CA LYS A 936 22.86 8.70 -3.61
C LYS A 936 22.13 8.82 -4.96
N TYR A 937 21.73 7.69 -5.54
CA TYR A 937 21.38 7.63 -6.95
C TYR A 937 19.89 7.67 -7.27
N LEU A 938 19.00 7.69 -6.28
CA LEU A 938 17.56 7.62 -6.55
C LEU A 938 16.99 9.04 -6.61
N THR A 939 16.56 9.44 -7.81
CA THR A 939 15.97 10.75 -8.00
C THR A 939 14.55 10.80 -7.42
N ASP A 940 14.09 12.02 -7.14
CA ASP A 940 12.72 12.22 -6.68
C ASP A 940 11.71 11.75 -7.72
N ASP A 941 12.10 11.71 -8.99
CA ASP A 941 11.19 11.21 -10.03
C ASP A 941 11.02 9.70 -9.94
N LYS A 942 12.15 8.97 -9.82
CA LYS A 942 12.07 7.52 -9.70
C LYS A 942 11.49 7.12 -8.35
N LEU A 943 11.80 7.87 -7.30
CA LEU A 943 11.23 7.59 -5.99
C LEU A 943 9.70 7.71 -6.04
N SER A 944 9.18 8.65 -6.82
CA SER A 944 7.74 8.77 -6.98
C SER A 944 7.16 7.56 -7.71
N GLN A 945 7.85 7.06 -8.74
CA GLN A 945 7.33 5.96 -9.53
C GLN A 945 7.24 4.68 -8.70
N TYR A 946 8.27 4.39 -7.92
CA TYR A 946 8.40 3.14 -7.18
C TYR A 946 7.88 3.24 -5.75
N LEU A 947 7.27 4.37 -5.38
CA LEU A 947 6.90 4.62 -3.98
C LEU A 947 5.98 3.54 -3.42
N ILE A 948 5.11 2.95 -4.24
CA ILE A 948 4.20 1.92 -3.72
C ILE A 948 4.98 0.69 -3.29
N GLN A 949 6.07 0.36 -3.99
CA GLN A 949 6.89 -0.78 -3.60
C GLN A 949 7.71 -0.45 -2.35
N LEU A 950 8.30 0.75 -2.29
CA LEU A 950 9.12 1.12 -1.15
C LEU A 950 8.31 1.20 0.13
N VAL A 951 7.07 1.70 0.04
CA VAL A 951 6.20 1.70 1.21
C VAL A 951 5.86 0.27 1.61
N GLN A 952 5.73 -0.62 0.63
CA GLN A 952 5.34 -1.99 0.93
C GLN A 952 6.44 -2.75 1.67
N VAL A 953 7.69 -2.52 1.28
CA VAL A 953 8.80 -3.25 1.90
C VAL A 953 9.13 -2.76 3.30
N LEU A 954 8.57 -1.62 3.72
CA LEU A 954 8.67 -1.23 5.12
C LEU A 954 8.15 -2.32 6.05
N LYS A 955 7.20 -3.13 5.55
CA LYS A 955 6.61 -4.17 6.39
C LYS A 955 7.63 -5.24 6.76
N TYR A 956 8.58 -5.54 5.87
CA TYR A 956 9.56 -6.57 6.15
C TYR A 956 10.70 -6.07 7.04
N GLU A 957 10.79 -4.77 7.30
CA GLU A 957 11.79 -4.27 8.24
C GLU A 957 11.55 -4.88 9.61
N GLN A 958 12.63 -5.34 10.24
CA GLN A 958 12.50 -6.00 11.53
C GLN A 958 12.04 -5.02 12.61
N TYR A 959 12.56 -3.81 12.60
CA TYR A 959 12.38 -2.86 13.68
C TYR A 959 11.79 -1.55 13.16
N LEU A 960 11.18 -0.80 14.08
CA LEU A 960 10.52 0.45 13.70
C LEU A 960 11.53 1.47 13.18
N ASP A 961 12.67 1.58 13.86
CA ASP A 961 13.71 2.54 13.50
C ASP A 961 14.75 1.83 12.64
N ASN A 962 14.83 2.22 11.36
CA ASN A 962 15.79 1.64 10.44
C ASN A 962 16.14 2.69 9.39
N LEU A 963 17.05 2.33 8.47
CA LEU A 963 17.55 3.31 7.51
C LEU A 963 16.52 3.63 6.44
N LEU A 964 15.70 2.65 6.05
CA LEU A 964 14.72 2.89 4.99
C LEU A 964 13.64 3.86 5.44
N VAL A 965 13.13 3.70 6.67
CA VAL A 965 12.08 4.59 7.16
C VAL A 965 12.58 6.03 7.20
N ARG A 966 13.80 6.22 7.71
CA ARG A 966 14.34 7.57 7.83
C ARG A 966 14.60 8.19 6.46
N PHE A 967 14.98 7.37 5.48
CA PHE A 967 15.17 7.88 4.11
C PHE A 967 13.84 8.34 3.52
N LEU A 968 12.80 7.52 3.64
CA LEU A 968 11.52 7.86 3.03
C LEU A 968 10.87 9.06 3.71
N LEU A 969 10.98 9.14 5.05
CA LEU A 969 10.35 10.25 5.75
C LEU A 969 11.05 11.57 5.43
N LYS A 970 12.38 11.55 5.30
CA LYS A 970 13.09 12.75 4.88
C LYS A 970 12.64 13.22 3.50
N LYS A 971 12.49 12.28 2.57
CA LYS A 971 12.06 12.65 1.22
C LYS A 971 10.62 13.12 1.19
N ALA A 972 9.76 12.47 1.98
CA ALA A 972 8.36 12.90 2.03
C ALA A 972 8.24 14.31 2.62
N LEU A 973 9.11 14.67 3.56
CA LEU A 973 9.05 15.98 4.19
C LEU A 973 9.83 17.06 3.46
N THR A 974 10.72 16.69 2.53
CA THR A 974 11.35 17.67 1.66
C THR A 974 10.72 17.76 0.27
N ASN A 975 9.76 16.89 -0.05
CA ASN A 975 9.05 16.95 -1.32
C ASN A 975 7.58 16.68 -1.05
N GLN A 976 6.71 17.65 -1.34
CA GLN A 976 5.31 17.51 -0.94
C GLN A 976 4.53 16.61 -1.90
N ARG A 977 4.95 16.52 -3.16
CA ARG A 977 4.34 15.54 -4.05
C ARG A 977 4.64 14.12 -3.59
N ILE A 978 5.86 13.88 -3.10
CA ILE A 978 6.19 12.60 -2.50
C ILE A 978 5.45 12.41 -1.19
N GLY A 979 5.36 13.47 -0.38
CA GLY A 979 4.67 13.37 0.89
C GLY A 979 3.19 13.08 0.74
N HIS A 980 2.55 13.66 -0.27
CA HIS A 980 1.12 13.44 -0.47
C HIS A 980 0.81 11.96 -0.65
N PHE A 981 1.50 11.29 -1.57
CA PHE A 981 1.26 9.88 -1.80
C PHE A 981 1.90 9.01 -0.73
N PHE A 982 2.97 9.52 -0.09
CA PHE A 982 3.49 8.85 1.10
C PHE A 982 2.41 8.75 2.17
N PHE A 983 1.68 9.85 2.40
CA PHE A 983 0.62 9.85 3.39
C PHE A 983 -0.48 8.86 3.02
N TRP A 984 -0.92 8.89 1.76
CA TRP A 984 -2.10 8.12 1.39
C TRP A 984 -1.81 6.62 1.31
N HIS A 985 -0.64 6.24 0.82
CA HIS A 985 -0.27 4.83 0.81
C HIS A 985 -0.26 4.26 2.22
N LEU A 986 0.19 5.04 3.20
CA LEU A 986 0.18 4.59 4.59
C LEU A 986 -1.25 4.59 5.15
N LYS A 987 -2.01 5.64 4.86
CA LYS A 987 -3.35 5.78 5.44
C LYS A 987 -4.30 4.70 4.95
N SER A 988 -4.09 4.22 3.72
CA SER A 988 -5.01 3.22 3.16
C SER A 988 -4.90 1.87 3.86
N GLU A 989 -3.76 1.56 4.48
CA GLU A 989 -3.56 0.30 5.16
C GLU A 989 -3.81 0.37 6.67
N MET A 990 -4.21 1.52 7.20
CA MET A 990 -4.37 1.65 8.64
C MET A 990 -5.48 0.76 9.21
N HIS A 991 -6.40 0.30 8.36
CA HIS A 991 -7.40 -0.67 8.79
C HIS A 991 -6.75 -2.01 9.15
N ASN A 992 -5.53 -2.26 8.68
CA ASN A 992 -4.90 -3.57 8.77
C ASN A 992 -4.09 -3.61 10.05
N LYS A 993 -4.54 -4.42 11.02
CA LYS A 993 -3.95 -4.40 12.35
C LYS A 993 -2.53 -4.90 12.37
N THR A 994 -2.09 -5.60 11.32
CA THR A 994 -0.72 -6.10 11.29
C THR A 994 0.28 -4.94 11.16
N VAL A 995 0.02 -4.02 10.24
CA VAL A 995 0.89 -2.86 10.02
C VAL A 995 0.40 -1.58 10.69
N SER A 996 -0.76 -1.61 11.37
CA SER A 996 -1.38 -0.35 11.79
C SER A 996 -0.53 0.41 12.80
N GLN A 997 0.23 -0.29 13.65
CA GLN A 997 1.06 0.41 14.63
C GLN A 997 2.27 1.05 13.96
N ARG A 998 2.98 0.31 13.12
CA ARG A 998 4.13 0.88 12.41
C ARG A 998 3.70 2.06 11.55
N PHE A 999 2.67 1.86 10.72
CA PHE A 999 2.22 2.93 9.84
C PHE A 999 1.61 4.08 10.64
N GLY A 1000 0.90 3.77 11.72
CA GLY A 1000 0.36 4.82 12.56
C GLY A 1000 1.43 5.70 13.17
N LEU A 1001 2.51 5.09 13.66
CA LEU A 1001 3.60 5.86 14.23
C LEU A 1001 4.30 6.70 13.17
N LEU A 1002 4.45 6.16 11.97
CA LEU A 1002 5.12 6.89 10.91
C LEU A 1002 4.27 8.04 10.38
N LEU A 1003 2.95 7.88 10.38
CA LEU A 1003 2.07 8.97 9.96
C LEU A 1003 2.10 10.10 10.98
N GLU A 1004 2.18 9.77 12.27
CA GLU A 1004 2.32 10.79 13.30
C GLU A 1004 3.55 11.64 13.04
N SER A 1005 4.71 11.01 12.85
CA SER A 1005 5.93 11.76 12.61
C SER A 1005 5.82 12.61 11.34
N TYR A 1006 5.19 12.08 10.30
CA TYR A 1006 5.01 12.86 9.07
C TYR A 1006 4.13 14.08 9.33
N CYS A 1007 2.98 13.87 9.99
CA CYS A 1007 2.01 14.95 10.14
C CYS A 1007 2.53 16.07 11.03
N ARG A 1008 3.48 15.78 11.92
CA ARG A 1008 4.01 16.84 12.77
C ARG A 1008 4.87 17.81 11.97
N ALA A 1009 5.74 17.30 11.10
CA ALA A 1009 6.68 18.12 10.37
C ALA A 1009 6.23 18.50 8.97
N CYS A 1010 5.07 18.02 8.51
CA CYS A 1010 4.72 18.24 7.11
C CYS A 1010 4.35 19.70 6.82
N GLY A 1011 4.01 20.46 7.84
CA GLY A 1011 3.70 21.88 7.66
C GLY A 1011 2.23 22.13 7.42
N MET A 1012 1.92 23.24 6.75
CA MET A 1012 0.54 23.65 6.54
C MET A 1012 -0.25 22.67 5.69
N TYR A 1013 0.39 21.69 5.07
CA TYR A 1013 -0.34 20.76 4.22
C TYR A 1013 -1.29 19.87 5.02
N LEU A 1014 -1.10 19.77 6.34
CA LEU A 1014 -1.96 18.91 7.14
C LEU A 1014 -3.42 19.37 7.10
N LYS A 1015 -3.64 20.68 6.99
CA LYS A 1015 -5.01 21.18 6.88
C LYS A 1015 -5.66 20.70 5.58
N HIS A 1016 -4.89 20.67 4.50
CA HIS A 1016 -5.42 20.19 3.22
C HIS A 1016 -5.64 18.68 3.24
N LEU A 1017 -4.69 17.94 3.81
CA LEU A 1017 -4.87 16.50 3.93
C LEU A 1017 -6.13 16.17 4.72
N ASN A 1018 -6.31 16.85 5.86
CA ASN A 1018 -7.52 16.61 6.66
C ASN A 1018 -8.77 16.89 5.85
N ARG A 1019 -8.72 17.90 4.98
CA ARG A 1019 -9.88 18.18 4.12
CA ARG A 1019 -9.86 18.19 4.11
C ARG A 1019 -10.16 17.01 3.19
N GLN A 1020 -9.13 16.36 2.66
CA GLN A 1020 -9.31 15.20 1.81
C GLN A 1020 -9.84 14.02 2.61
N VAL A 1021 -9.27 13.77 3.80
CA VAL A 1021 -9.69 12.65 4.63
C VAL A 1021 -11.18 12.77 4.94
N GLU A 1022 -11.63 13.97 5.31
CA GLU A 1022 -13.04 14.17 5.63
C GLU A 1022 -13.92 13.86 4.42
N ALA A 1023 -13.53 14.36 3.25
CA ALA A 1023 -14.34 14.14 2.05
C ALA A 1023 -14.43 12.66 1.71
N MET A 1024 -13.31 11.94 1.83
CA MET A 1024 -13.33 10.51 1.55
C MET A 1024 -14.22 9.78 2.54
N GLU A 1025 -14.21 10.19 3.81
CA GLU A 1025 -15.05 9.54 4.80
C GLU A 1025 -16.52 9.59 4.43
N LYS A 1026 -16.98 10.73 3.93
CA LYS A 1026 -18.39 10.86 3.55
C LYS A 1026 -18.71 10.02 2.32
N LEU A 1027 -17.74 9.84 1.42
CA LEU A 1027 -17.96 8.97 0.27
C LEU A 1027 -17.92 7.50 0.68
N ILE A 1028 -17.03 7.15 1.62
CA ILE A 1028 -17.01 5.79 2.15
C ILE A 1028 -18.32 5.48 2.85
N ASN A 1029 -18.76 6.36 3.75
CA ASN A 1029 -20.01 6.15 4.46
C ASN A 1029 -21.18 5.99 3.49
N LEU A 1030 -21.23 6.86 2.47
CA LEU A 1030 -22.35 6.83 1.53
C LEU A 1030 -22.38 5.54 0.74
N THR A 1031 -21.23 5.14 0.18
CA THR A 1031 -21.18 3.92 -0.62
C THR A 1031 -21.39 2.68 0.24
N ASP A 1032 -20.94 2.70 1.49
CA ASP A 1032 -21.19 1.56 2.39
C ASP A 1032 -22.68 1.42 2.67
N ILE A 1033 -23.42 2.53 2.73
CA ILE A 1033 -24.86 2.46 2.91
C ILE A 1033 -25.51 1.79 1.72
N LEU A 1034 -25.08 2.15 0.50
CA LEU A 1034 -25.63 1.53 -0.70
C LEU A 1034 -25.33 0.04 -0.74
N LYS A 1035 -24.20 -0.39 -0.17
CA LYS A 1035 -23.85 -1.80 -0.17
C LYS A 1035 -24.77 -2.61 0.72
N GLN A 1036 -25.24 -2.04 1.83
CA GLN A 1036 -26.03 -2.79 2.81
C GLN A 1036 -27.52 -2.49 2.67
N GLU A 1037 -27.93 -1.30 3.09
CA GLU A 1037 -29.35 -0.93 3.03
C GLU A 1037 -29.89 -1.04 1.60
N LYS A 1038 -29.37 -0.21 0.70
CA LYS A 1038 -29.88 -0.07 -0.66
C LYS A 1038 -29.57 -1.25 -1.57
N LYS A 1039 -28.82 -2.25 -1.10
CA LYS A 1039 -28.29 -3.30 -1.98
C LYS A 1039 -29.38 -3.91 -2.87
N ASP A 1040 -30.61 -3.98 -2.38
CA ASP A 1040 -31.69 -4.63 -3.14
C ASP A 1040 -32.35 -3.67 -4.11
N GLU A 1041 -32.93 -2.59 -3.60
CA GLU A 1041 -33.86 -1.75 -4.35
C GLU A 1041 -33.25 -1.23 -5.65
N THR A 1042 -34.11 -1.05 -6.65
CA THR A 1042 -33.68 -0.77 -8.02
C THR A 1042 -32.91 0.54 -8.10
N GLN A 1043 -32.03 0.62 -9.11
CA GLN A 1043 -31.15 1.77 -9.27
C GLN A 1043 -31.92 3.07 -9.40
N LYS A 1044 -33.14 3.02 -9.95
CA LYS A 1044 -33.97 4.22 -10.01
C LYS A 1044 -34.20 4.79 -8.62
N VAL A 1045 -34.35 3.92 -7.63
CA VAL A 1045 -34.53 4.36 -6.25
C VAL A 1045 -33.20 4.76 -5.62
N GLN A 1046 -32.12 4.04 -5.96
CA GLN A 1046 -30.81 4.38 -5.40
C GLN A 1046 -30.39 5.79 -5.78
N MET A 1047 -30.66 6.19 -7.03
CA MET A 1047 -30.31 7.54 -7.46
C MET A 1047 -31.11 8.59 -6.70
N LYS A 1048 -32.37 8.29 -6.36
CA LYS A 1048 -33.15 9.20 -5.53
C LYS A 1048 -32.49 9.38 -4.16
N PHE A 1049 -31.99 8.29 -3.58
CA PHE A 1049 -31.28 8.39 -2.31
C PHE A 1049 -29.94 9.11 -2.47
N LEU A 1050 -29.30 8.97 -3.64
CA LEU A 1050 -28.02 9.65 -3.87
C LEU A 1050 -28.23 11.16 -3.96
N VAL A 1051 -29.13 11.60 -4.84
CA VAL A 1051 -29.34 13.03 -5.03
C VAL A 1051 -29.81 13.68 -3.73
N GLU A 1052 -30.51 12.91 -2.88
CA GLU A 1052 -31.01 13.46 -1.63
C GLU A 1052 -29.92 13.60 -0.58
N GLN A 1053 -28.98 12.64 -0.54
CA GLN A 1053 -27.91 12.70 0.44
C GLN A 1053 -26.84 13.70 0.05
N MET A 1054 -26.52 13.81 -1.24
CA MET A 1054 -25.53 14.78 -1.69
C MET A 1054 -26.03 16.21 -1.59
N ARG A 1055 -27.35 16.40 -1.41
CA ARG A 1055 -27.92 17.73 -1.30
C ARG A 1055 -27.77 18.33 0.09
N ARG A 1056 -27.48 17.51 1.10
CA ARG A 1056 -27.34 18.00 2.46
C ARG A 1056 -26.23 19.05 2.52
N PRO A 1057 -26.45 20.22 3.14
CA PRO A 1057 -25.37 21.21 3.20
C PRO A 1057 -24.14 20.73 3.94
N ASP A 1058 -24.30 19.88 4.95
CA ASP A 1058 -23.14 19.30 5.61
C ASP A 1058 -22.32 18.47 4.63
N PHE A 1059 -22.98 17.73 3.75
CA PHE A 1059 -22.28 16.97 2.72
C PHE A 1059 -21.68 17.88 1.66
N MET A 1060 -22.43 18.91 1.25
CA MET A 1060 -21.95 19.83 0.22
C MET A 1060 -20.68 20.54 0.65
N ASP A 1061 -20.62 20.99 1.91
CA ASP A 1061 -19.47 21.74 2.37
C ASP A 1061 -18.21 20.89 2.37
N ALA A 1062 -18.34 19.59 2.66
CA ALA A 1062 -17.17 18.73 2.78
C ALA A 1062 -16.61 18.33 1.43
N LEU A 1063 -17.46 18.15 0.42
CA LEU A 1063 -17.04 17.65 -0.89
C LEU A 1063 -16.75 18.75 -1.90
N GLN A 1064 -16.84 20.01 -1.51
CA GLN A 1064 -16.48 21.12 -2.38
C GLN A 1064 -15.29 21.86 -1.79
N GLY A 1065 -14.39 22.33 -2.67
CA GLY A 1065 -13.24 23.09 -2.25
C GLY A 1065 -12.16 22.30 -1.53
N PHE A 1066 -11.72 21.18 -2.11
CA PHE A 1066 -10.56 20.45 -1.61
C PHE A 1066 -9.75 19.96 -2.80
N LEU A 1067 -8.64 19.30 -2.52
CA LEU A 1067 -7.70 18.86 -3.55
C LEU A 1067 -7.91 17.37 -3.86
N SER A 1068 -7.76 17.03 -5.13
CA SER A 1068 -7.95 15.65 -5.56
C SER A 1068 -6.83 14.77 -5.04
N PRO A 1069 -7.12 13.73 -4.25
CA PRO A 1069 -6.05 12.82 -3.82
C PRO A 1069 -5.32 12.15 -4.98
N LEU A 1070 -5.96 12.07 -6.15
CA LEU A 1070 -5.27 11.52 -7.32
C LEU A 1070 -4.18 12.46 -7.81
N ASN A 1071 -4.51 13.74 -7.99
CA ASN A 1071 -3.56 14.76 -8.42
C ASN A 1071 -3.72 16.02 -7.58
N PRO A 1072 -2.95 16.16 -6.49
CA PRO A 1072 -3.09 17.35 -5.63
C PRO A 1072 -3.01 18.67 -6.39
N ALA A 1073 -2.39 18.67 -7.57
CA ALA A 1073 -2.37 19.87 -8.40
C ALA A 1073 -3.75 20.27 -8.89
N HIS A 1074 -4.71 19.34 -8.89
CA HIS A 1074 -6.07 19.60 -9.37
C HIS A 1074 -6.95 20.03 -8.21
N GLN A 1075 -7.45 21.26 -8.25
CA GLN A 1075 -8.41 21.72 -7.28
C GLN A 1075 -9.80 21.20 -7.65
N LEU A 1076 -10.55 20.77 -6.64
CA LEU A 1076 -11.93 20.32 -6.83
C LEU A 1076 -12.86 21.40 -6.28
N GLY A 1077 -13.59 22.03 -7.20
CA GLY A 1077 -14.50 23.11 -6.87
C GLY A 1077 -15.87 22.61 -6.50
N ASN A 1078 -16.88 23.41 -6.82
CA ASN A 1078 -18.26 23.02 -6.56
C ASN A 1078 -18.63 21.78 -7.37
N LEU A 1079 -19.39 20.89 -6.74
CA LEU A 1079 -19.94 19.74 -7.45
C LEU A 1079 -20.98 20.18 -8.47
N ARG A 1080 -20.94 19.57 -9.65
CA ARG A 1080 -22.05 19.65 -10.59
C ARG A 1080 -22.88 18.38 -10.38
N LEU A 1081 -24.07 18.54 -9.78
CA LEU A 1081 -24.81 17.38 -9.30
C LEU A 1081 -25.56 16.67 -10.42
N GLU A 1082 -25.89 17.41 -11.49
CA GLU A 1082 -26.57 16.78 -12.63
C GLU A 1082 -25.69 15.71 -13.27
N GLU A 1083 -24.37 15.86 -13.19
CA GLU A 1083 -23.44 14.87 -13.72
C GLU A 1083 -23.13 13.76 -12.73
N CYS A 1084 -23.48 13.92 -11.45
CA CYS A 1084 -23.20 12.92 -10.44
C CYS A 1084 -24.22 11.80 -10.49
N ARG A 1085 -23.75 10.56 -10.55
CA ARG A 1085 -24.66 9.43 -10.68
C ARG A 1085 -23.97 8.15 -10.18
N ILE A 1086 -24.80 7.15 -9.91
CA ILE A 1086 -24.33 5.78 -9.68
C ILE A 1086 -24.24 5.09 -11.03
N MET A 1087 -23.07 4.51 -11.33
CA MET A 1087 -22.89 3.83 -12.59
C MET A 1087 -23.73 2.56 -12.64
N SER A 1088 -24.04 2.12 -13.86
CA SER A 1088 -24.93 0.99 -14.07
C SER A 1088 -24.22 -0.35 -13.95
N SER A 1089 -22.91 -0.35 -13.69
CA SER A 1089 -22.17 -1.59 -13.52
C SER A 1089 -22.61 -2.31 -12.25
N ALA A 1090 -22.31 -3.62 -12.22
CA ALA A 1090 -22.77 -4.46 -11.12
C ALA A 1090 -22.31 -3.93 -9.77
N LYS A 1091 -21.03 -3.52 -9.66
CA LYS A 1091 -20.50 -3.05 -8.39
C LYS A 1091 -21.02 -1.68 -8.00
N ARG A 1092 -21.73 -1.00 -8.89
CA ARG A 1092 -22.42 0.26 -8.58
C ARG A 1092 -21.49 1.29 -7.95
N PRO A 1093 -20.41 1.68 -8.63
CA PRO A 1093 -19.53 2.72 -8.11
C PRO A 1093 -20.15 4.10 -8.35
N LEU A 1094 -19.44 5.12 -7.86
CA LEU A 1094 -19.92 6.49 -7.93
C LEU A 1094 -19.22 7.26 -9.04
N TRP A 1095 -19.98 8.03 -9.80
CA TRP A 1095 -19.47 8.94 -10.81
C TRP A 1095 -19.64 10.35 -10.27
N LEU A 1096 -18.52 11.01 -9.94
CA LEU A 1096 -18.52 12.33 -9.33
C LEU A 1096 -17.94 13.35 -10.30
N ASN A 1097 -18.50 14.56 -10.28
CA ASN A 1097 -18.08 15.63 -11.18
C ASN A 1097 -17.91 16.92 -10.39
N TRP A 1098 -16.74 17.53 -10.51
CA TRP A 1098 -16.42 18.80 -9.86
C TRP A 1098 -16.10 19.86 -10.91
N GLU A 1099 -16.40 21.11 -10.58
CA GLU A 1099 -15.92 22.23 -11.36
C GLU A 1099 -14.44 22.47 -11.08
N ASN A 1100 -13.73 22.99 -12.07
CA ASN A 1100 -12.35 23.43 -11.89
C ASN A 1100 -12.36 24.89 -11.50
N PRO A 1101 -12.02 25.25 -10.26
CA PRO A 1101 -12.11 26.66 -9.85
C PRO A 1101 -11.11 27.59 -10.52
N ASP A 1102 -10.06 27.06 -11.15
CA ASP A 1102 -9.00 27.89 -11.70
C ASP A 1102 -9.56 28.93 -12.67
N ILE A 1103 -9.02 30.15 -12.59
CA ILE A 1103 -9.49 31.23 -13.47
C ILE A 1103 -9.24 30.87 -14.93
N MET A 1104 -8.12 30.21 -15.21
CA MET A 1104 -7.72 29.80 -16.54
C MET A 1104 -8.20 28.40 -16.90
N SER A 1105 -9.04 27.78 -16.05
CA SER A 1105 -9.43 26.39 -16.21
C SER A 1105 -9.89 26.06 -17.62
N GLU A 1106 -10.50 27.01 -18.32
CA GLU A 1106 -11.00 26.74 -19.67
C GLU A 1106 -9.89 26.28 -20.62
N LEU A 1107 -8.63 26.52 -20.28
CA LEU A 1107 -7.52 26.14 -21.14
C LEU A 1107 -6.95 24.76 -20.83
N LEU A 1108 -7.43 24.09 -19.77
CA LEU A 1108 -6.99 22.73 -19.45
C LEU A 1108 -8.18 21.78 -19.44
N PHE A 1109 -8.99 21.84 -18.38
CA PHE A 1109 -10.33 21.25 -18.39
C PHE A 1109 -11.19 22.01 -17.40
N GLN A 1110 -12.47 22.14 -17.73
CA GLN A 1110 -13.43 22.84 -16.89
C GLN A 1110 -14.19 21.92 -15.94
N ASN A 1111 -14.01 20.61 -16.06
CA ASN A 1111 -14.69 19.66 -15.19
C ASN A 1111 -13.74 18.52 -14.86
N ASN A 1112 -13.74 18.12 -13.60
CA ASN A 1112 -12.95 16.99 -13.14
C ASN A 1112 -13.88 15.87 -12.72
N GLU A 1113 -13.61 14.66 -13.21
CA GLU A 1113 -14.49 13.52 -12.99
C GLU A 1113 -13.69 12.37 -12.41
N ILE A 1114 -14.18 11.82 -11.30
CA ILE A 1114 -13.55 10.69 -10.63
C ILE A 1114 -14.60 9.60 -10.42
N ILE A 1115 -14.15 8.35 -10.51
CA ILE A 1115 -14.97 7.20 -10.14
C ILE A 1115 -14.52 6.74 -8.76
N PHE A 1116 -15.46 6.73 -7.81
CA PHE A 1116 -15.21 6.25 -6.46
C PHE A 1116 -15.79 4.84 -6.36
N LYS A 1117 -14.91 3.85 -6.27
CA LYS A 1117 -15.29 2.44 -6.32
C LYS A 1117 -15.11 1.81 -4.95
N ASN A 1118 -16.15 1.15 -4.46
CA ASN A 1118 -16.17 0.55 -3.14
C ASN A 1118 -16.38 -0.96 -3.28
N GLY A 1119 -15.57 -1.74 -2.58
CA GLY A 1119 -15.71 -3.19 -2.55
C GLY A 1119 -14.63 -3.97 -3.27
N ASP A 1120 -13.78 -3.33 -4.07
CA ASP A 1120 -12.69 -4.02 -4.75
C ASP A 1120 -11.35 -3.51 -4.24
N ASP A 1121 -10.33 -4.36 -4.33
CA ASP A 1121 -9.00 -4.01 -3.87
C ASP A 1121 -8.27 -3.40 -5.07
N LEU A 1122 -8.01 -2.11 -5.02
CA LEU A 1122 -7.45 -1.38 -6.14
C LEU A 1122 -5.93 -1.34 -6.13
N ARG A 1123 -5.30 -1.93 -5.11
CA ARG A 1123 -3.84 -2.02 -5.11
C ARG A 1123 -3.35 -2.82 -6.31
N GLN A 1124 -4.14 -3.76 -6.81
CA GLN A 1124 -3.75 -4.52 -8.00
C GLN A 1124 -3.86 -3.67 -9.26
N ASP A 1125 -4.91 -2.84 -9.34
CA ASP A 1125 -4.99 -1.88 -10.44
C ASP A 1125 -3.80 -0.93 -10.43
N MET A 1126 -3.42 -0.44 -9.26
CA MET A 1126 -2.28 0.47 -9.15
C MET A 1126 -1.01 -0.18 -9.68
N LEU A 1127 -0.78 -1.45 -9.32
CA LEU A 1127 0.41 -2.14 -9.79
C LEU A 1127 0.37 -2.33 -11.31
N THR A 1128 -0.79 -2.72 -11.85
CA THR A 1128 -0.91 -2.89 -13.29
C THR A 1128 -0.66 -1.58 -14.01
N LEU A 1129 -1.36 -0.51 -13.59
CA LEU A 1129 -1.22 0.77 -14.26
C LEU A 1129 0.20 1.32 -14.13
N GLN A 1130 0.88 1.03 -13.01
CA GLN A 1130 2.30 1.36 -12.92
C GLN A 1130 3.09 0.62 -13.98
N ILE A 1131 2.86 -0.69 -14.11
CA ILE A 1131 3.60 -1.50 -15.07
C ILE A 1131 3.27 -1.07 -16.49
N ILE A 1132 2.01 -0.69 -16.74
CA ILE A 1132 1.64 -0.20 -18.06
C ILE A 1132 2.48 1.03 -18.41
N ARG A 1133 2.64 1.95 -17.46
CA ARG A 1133 3.40 3.17 -17.73
C ARG A 1133 4.86 2.88 -17.98
N ILE A 1134 5.46 1.97 -17.19
CA ILE A 1134 6.87 1.62 -17.40
C ILE A 1134 7.04 0.93 -18.74
N MET A 1135 6.10 0.08 -19.14
CA MET A 1135 6.17 -0.56 -20.44
C MET A 1135 6.17 0.47 -21.56
N GLU A 1136 5.36 1.51 -21.44
CA GLU A 1136 5.31 2.53 -22.49
C GLU A 1136 6.62 3.30 -22.57
N ASN A 1137 7.24 3.59 -21.43
CA ASN A 1137 8.50 4.32 -21.44
C ASN A 1137 9.61 3.50 -22.09
N ILE A 1138 9.62 2.19 -21.86
CA ILE A 1138 10.58 1.32 -22.54
C ILE A 1138 10.37 1.38 -24.04
N TRP A 1139 9.14 1.15 -24.49
CA TRP A 1139 8.84 1.15 -25.92
C TRP A 1139 9.17 2.50 -26.55
N GLN A 1140 8.82 3.59 -25.88
CA GLN A 1140 9.07 4.92 -26.43
C GLN A 1140 10.56 5.16 -26.65
N ASN A 1141 11.38 4.80 -25.66
CA ASN A 1141 12.82 5.02 -25.78
C ASN A 1141 13.49 4.08 -26.76
N GLN A 1142 12.83 3.00 -27.17
CA GLN A 1142 13.36 2.12 -28.21
C GLN A 1142 12.86 2.50 -29.60
N GLY A 1143 12.09 3.57 -29.72
CA GLY A 1143 11.60 4.02 -31.00
C GLY A 1143 10.24 3.48 -31.38
N LEU A 1144 9.65 2.62 -30.56
CA LEU A 1144 8.29 2.15 -30.80
C LEU A 1144 7.33 3.15 -30.19
N ASP A 1145 6.50 3.76 -31.03
CA ASP A 1145 5.46 4.66 -30.53
C ASP A 1145 4.21 3.81 -30.37
N LEU A 1146 3.86 3.51 -29.12
CA LEU A 1146 2.65 2.79 -28.78
C LEU A 1146 2.03 3.50 -27.61
N ARG A 1147 0.85 4.07 -27.79
CA ARG A 1147 0.23 4.85 -26.74
C ARG A 1147 -0.52 3.93 -25.79
N MET A 1148 -0.21 4.03 -24.52
CA MET A 1148 -0.95 3.39 -23.43
C MET A 1148 -1.59 4.49 -22.61
N LEU A 1149 -2.69 4.14 -21.92
CA LEU A 1149 -3.42 5.10 -21.09
C LEU A 1149 -3.42 4.58 -19.66
N PRO A 1150 -2.32 4.86 -18.86
CA PRO A 1150 -2.30 4.57 -17.42
C PRO A 1150 -2.95 5.69 -16.62
N TYR A 1151 -4.27 5.66 -16.57
CA TYR A 1151 -5.03 6.64 -15.81
C TYR A 1151 -4.73 6.53 -14.32
N GLY A 1152 -4.97 7.62 -13.59
CA GLY A 1152 -4.70 7.63 -12.18
C GLY A 1152 -5.62 6.70 -11.41
N CYS A 1153 -5.04 5.94 -10.48
CA CYS A 1153 -5.80 5.09 -9.58
C CYS A 1153 -5.15 5.14 -8.21
N LEU A 1154 -5.96 5.37 -7.17
CA LEU A 1154 -5.45 5.50 -5.81
C LEU A 1154 -6.37 4.77 -4.84
N SER A 1155 -5.78 3.86 -4.05
CA SER A 1155 -6.48 3.20 -2.96
C SER A 1155 -6.38 4.07 -1.71
N ILE A 1156 -7.53 4.52 -1.20
CA ILE A 1156 -7.58 5.38 -0.01
C ILE A 1156 -7.89 4.61 1.27
N GLY A 1157 -8.13 3.31 1.19
CA GLY A 1157 -8.58 2.57 2.34
C GLY A 1157 -8.75 1.10 2.03
N ASP A 1158 -9.53 0.41 2.84
CA ASP A 1158 -9.75 -1.01 2.64
C ASP A 1158 -10.74 -1.20 1.51
N CYS A 1159 -10.29 -1.82 0.42
CA CYS A 1159 -11.11 -2.07 -0.77
C CYS A 1159 -11.91 -0.83 -1.15
N VAL A 1160 -11.26 0.33 -1.13
CA VAL A 1160 -11.90 1.60 -1.47
C VAL A 1160 -10.84 2.49 -2.12
N GLY A 1161 -11.26 3.25 -3.13
CA GLY A 1161 -10.30 4.10 -3.81
C GLY A 1161 -10.95 4.96 -4.87
N LEU A 1162 -10.08 5.65 -5.62
CA LEU A 1162 -10.47 6.60 -6.65
C LEU A 1162 -9.85 6.17 -7.98
N ILE A 1163 -10.54 6.49 -9.07
CA ILE A 1163 -10.03 6.25 -10.42
C ILE A 1163 -10.26 7.50 -11.25
N GLU A 1164 -9.24 7.88 -12.02
CA GLU A 1164 -9.36 9.00 -12.94
C GLU A 1164 -10.26 8.61 -14.11
N VAL A 1165 -11.15 9.53 -14.49
CA VAL A 1165 -12.03 9.33 -15.64
C VAL A 1165 -11.33 9.85 -16.89
N VAL A 1166 -11.30 9.03 -17.94
CA VAL A 1166 -10.77 9.44 -19.23
C VAL A 1166 -11.89 10.09 -20.01
N ARG A 1167 -11.69 11.34 -20.40
CA ARG A 1167 -12.70 12.06 -21.16
C ARG A 1167 -12.74 11.58 -22.61
N ASN A 1168 -13.91 11.77 -23.24
CA ASN A 1168 -14.09 11.49 -24.66
C ASN A 1168 -13.76 10.04 -24.99
N SER A 1169 -14.24 9.12 -24.17
CA SER A 1169 -13.99 7.69 -24.36
C SER A 1169 -15.29 6.91 -24.16
N HIS A 1170 -15.38 5.78 -24.85
CA HIS A 1170 -16.55 4.92 -24.81
C HIS A 1170 -16.09 3.46 -24.84
N THR A 1171 -16.87 2.61 -24.18
CA THR A 1171 -16.62 1.17 -24.27
C THR A 1171 -17.07 0.65 -25.63
N ILE A 1172 -16.49 -0.47 -26.03
CA ILE A 1172 -16.90 -1.11 -27.28
C ILE A 1172 -18.38 -1.43 -27.25
N MET A 1173 -18.90 -1.80 -26.08
CA MET A 1173 -20.33 -2.03 -25.93
C MET A 1173 -21.11 -0.75 -26.21
N GLN A 1174 -20.69 0.36 -25.61
CA GLN A 1174 -21.38 1.62 -25.82
C GLN A 1174 -21.36 2.04 -27.28
N ILE A 1175 -20.29 1.71 -28.00
CA ILE A 1175 -20.16 2.10 -29.40
C ILE A 1175 -21.01 1.20 -30.30
N GLN A 1176 -21.05 -0.11 -30.00
CA GLN A 1176 -21.90 -1.00 -30.79
C GLN A 1176 -23.37 -0.64 -30.62
N CYS A 1177 -23.76 -0.12 -29.47
CA CYS A 1177 -25.15 0.28 -29.26
C CYS A 1177 -25.49 1.55 -30.02
N LYS A 1178 -24.50 2.42 -30.25
CA LYS A 1178 -24.71 3.56 -31.14
C LYS A 1178 -24.97 3.11 -32.57
N GLY A 1179 -24.65 1.87 -32.89
CA GLY A 1179 -24.85 1.30 -34.21
C GLY A 1179 -26.16 0.56 -34.32
N GLY A 1180 -26.15 -0.51 -35.11
CA GLY A 1180 -27.37 -1.28 -35.34
C GLY A 1180 -27.05 -2.75 -35.54
N LEU A 1181 -28.13 -3.54 -35.59
CA LEU A 1181 -28.01 -4.98 -35.76
C LEU A 1181 -27.71 -5.32 -37.21
N LYS A 1182 -27.00 -6.43 -37.41
CA LYS A 1182 -26.68 -6.94 -38.75
C LYS A 1182 -27.22 -8.35 -38.91
N GLY A 1183 -26.59 -9.35 -38.29
CA GLY A 1183 -27.16 -10.69 -38.23
C GLY A 1183 -28.31 -10.75 -37.24
N ALA A 1184 -28.88 -11.95 -37.13
CA ALA A 1184 -30.00 -12.13 -36.20
C ALA A 1184 -29.56 -11.85 -34.78
N LEU A 1185 -30.26 -10.92 -34.12
CA LEU A 1185 -30.00 -10.54 -32.74
C LEU A 1185 -28.50 -10.36 -32.48
N GLN A 1186 -27.82 -9.69 -33.41
CA GLN A 1186 -26.37 -9.58 -33.37
C GLN A 1186 -25.95 -8.19 -33.81
N PHE A 1187 -25.06 -7.57 -33.04
CA PHE A 1187 -24.53 -6.27 -33.41
C PHE A 1187 -23.70 -6.38 -34.69
N ASN A 1188 -23.58 -5.26 -35.39
CA ASN A 1188 -22.79 -5.18 -36.60
C ASN A 1188 -21.31 -5.12 -36.25
N SER A 1189 -20.52 -5.96 -36.93
CA SER A 1189 -19.08 -5.97 -36.68
C SER A 1189 -18.42 -4.67 -37.12
N HIS A 1190 -19.01 -3.96 -38.08
CA HIS A 1190 -18.41 -2.77 -38.66
C HIS A 1190 -18.80 -1.48 -37.95
N THR A 1191 -19.57 -1.56 -36.86
CA THR A 1191 -20.00 -0.34 -36.17
C THR A 1191 -18.79 0.43 -35.62
N LEU A 1192 -17.88 -0.28 -34.95
CA LEU A 1192 -16.71 0.38 -34.37
C LEU A 1192 -15.91 1.12 -35.43
N HIS A 1193 -15.58 0.44 -36.52
CA HIS A 1193 -14.80 1.07 -37.58
C HIS A 1193 -15.55 2.26 -38.18
N GLN A 1194 -16.86 2.10 -38.40
CA GLN A 1194 -17.64 3.21 -38.97
C GLN A 1194 -17.70 4.38 -37.99
N TRP A 1195 -17.80 4.09 -36.69
CA TRP A 1195 -17.83 5.16 -35.70
C TRP A 1195 -16.54 5.98 -35.74
N LEU A 1196 -15.40 5.32 -35.97
CA LEU A 1196 -14.14 6.05 -36.06
C LEU A 1196 -14.07 6.91 -37.32
N LYS A 1197 -14.68 6.46 -38.41
CA LYS A 1197 -14.75 7.29 -39.62
C LYS A 1197 -15.52 8.57 -39.36
N ASP A 1198 -16.61 8.48 -38.60
CA ASP A 1198 -17.41 9.68 -38.32
C ASP A 1198 -16.65 10.64 -37.41
N LYS A 1199 -15.89 10.11 -36.47
CA LYS A 1199 -15.13 10.97 -35.56
C LYS A 1199 -13.88 11.54 -36.23
N ASN A 1200 -13.21 10.75 -37.07
CA ASN A 1200 -12.05 11.21 -37.83
C ASN A 1200 -12.42 11.17 -39.30
N LYS A 1201 -12.60 12.34 -39.90
CA LYS A 1201 -12.94 12.48 -41.31
C LYS A 1201 -11.96 13.45 -41.96
N GLY A 1202 -11.63 13.18 -43.23
CA GLY A 1202 -10.60 13.93 -43.91
C GLY A 1202 -9.25 13.27 -43.80
N GLU A 1203 -8.18 14.07 -43.92
CA GLU A 1203 -6.83 13.53 -43.85
C GLU A 1203 -6.50 12.90 -42.49
N ILE A 1204 -7.29 13.21 -41.46
CA ILE A 1204 -7.02 12.68 -40.11
C ILE A 1204 -7.42 11.23 -39.94
N TYR A 1205 -8.08 10.64 -40.94
CA TYR A 1205 -8.52 9.25 -40.82
C TYR A 1205 -7.34 8.30 -40.59
N ASP A 1206 -6.27 8.46 -41.36
CA ASP A 1206 -5.13 7.56 -41.24
C ASP A 1206 -4.49 7.67 -39.87
N ALA A 1207 -4.47 8.88 -39.29
CA ALA A 1207 -3.89 9.06 -37.96
C ALA A 1207 -4.65 8.26 -36.91
N ALA A 1208 -5.97 8.15 -37.06
CA ALA A 1208 -6.77 7.43 -36.07
C ALA A 1208 -6.57 5.93 -36.19
N ILE A 1209 -6.59 5.40 -37.42
CA ILE A 1209 -6.33 3.98 -37.62
C ILE A 1209 -4.95 3.61 -37.11
N ASP A 1210 -3.98 4.50 -37.33
CA ASP A 1210 -2.63 4.27 -36.82
C ASP A 1210 -2.64 4.22 -35.30
N LEU A 1211 -3.16 5.26 -34.66
CA LEU A 1211 -3.23 5.31 -33.20
C LEU A 1211 -4.03 4.13 -32.64
N PHE A 1212 -5.07 3.69 -33.37
CA PHE A 1212 -5.82 2.51 -32.95
C PHE A 1212 -4.94 1.26 -33.02
N THR A 1213 -4.28 1.04 -34.16
CA THR A 1213 -3.44 -0.14 -34.32
C THR A 1213 -2.31 -0.14 -33.31
N ARG A 1214 -1.67 1.01 -33.11
CA ARG A 1214 -0.51 1.07 -32.21
C ARG A 1214 -0.92 0.81 -30.77
N SER A 1215 -1.91 1.53 -30.26
CA SER A 1215 -2.36 1.30 -28.90
C SER A 1215 -2.93 -0.10 -28.73
N CYS A 1216 -3.48 -0.68 -29.79
CA CYS A 1216 -3.97 -2.05 -29.72
C CYS A 1216 -2.82 -3.03 -29.54
N ALA A 1217 -1.70 -2.78 -30.23
CA ALA A 1217 -0.52 -3.64 -30.06
C ALA A 1217 0.01 -3.58 -28.63
N GLY A 1218 0.01 -2.39 -28.04
CA GLY A 1218 0.51 -2.25 -26.68
C GLY A 1218 -0.27 -3.08 -25.68
N TYR A 1219 -1.60 -3.05 -25.78
CA TYR A 1219 -2.42 -3.79 -24.82
C TYR A 1219 -2.53 -5.27 -25.15
N CYS A 1220 -2.21 -5.69 -26.37
CA CYS A 1220 -2.06 -7.11 -26.64
C CYS A 1220 -0.89 -7.69 -25.85
N VAL A 1221 0.29 -7.08 -25.99
CA VAL A 1221 1.48 -7.59 -25.36
C VAL A 1221 1.39 -7.46 -23.83
N ALA A 1222 1.05 -6.26 -23.35
CA ALA A 1222 1.00 -6.03 -21.91
C ALA A 1222 -0.03 -6.95 -21.25
N THR A 1223 -1.18 -7.12 -21.88
CA THR A 1223 -2.24 -7.95 -21.29
C THR A 1223 -1.84 -9.41 -21.22
N PHE A 1224 -1.17 -9.91 -22.26
CA PHE A 1224 -0.74 -11.31 -22.27
C PHE A 1224 0.34 -11.56 -21.24
N ILE A 1225 1.33 -10.65 -21.16
CA ILE A 1225 2.44 -10.82 -20.23
C ILE A 1225 1.94 -10.86 -18.79
N LEU A 1226 1.01 -9.97 -18.45
CA LEU A 1226 0.57 -9.79 -17.08
C LEU A 1226 -0.58 -10.70 -16.68
N GLY A 1227 -1.22 -11.39 -17.62
CA GLY A 1227 -2.36 -12.23 -17.29
C GLY A 1227 -3.56 -11.45 -16.76
N ILE A 1228 -3.88 -10.32 -17.39
CA ILE A 1228 -4.99 -9.49 -16.93
C ILE A 1228 -6.29 -10.30 -17.01
N GLY A 1229 -7.24 -9.96 -16.15
CA GLY A 1229 -8.52 -10.64 -16.16
C GLY A 1229 -9.18 -10.56 -17.53
N ASP A 1230 -10.04 -11.54 -17.80
CA ASP A 1230 -10.60 -11.72 -19.14
C ASP A 1230 -11.23 -10.45 -19.67
N ARG A 1231 -10.88 -10.10 -20.90
CA ARG A 1231 -11.43 -8.92 -21.56
C ARG A 1231 -12.82 -9.20 -22.11
N HIS A 1232 -13.61 -8.14 -22.21
CA HIS A 1232 -14.89 -8.18 -22.90
C HIS A 1232 -15.24 -6.75 -23.28
N ASN A 1233 -16.38 -6.58 -23.95
CA ASN A 1233 -16.65 -5.30 -24.60
C ASN A 1233 -16.86 -4.15 -23.61
N SER A 1234 -17.20 -4.44 -22.35
CA SER A 1234 -17.39 -3.37 -21.37
C SER A 1234 -16.12 -2.96 -20.63
N ASN A 1235 -15.05 -3.76 -20.64
CA ASN A 1235 -13.77 -3.34 -20.07
C ASN A 1235 -12.76 -2.85 -21.12
N ILE A 1236 -13.13 -2.84 -22.40
CA ILE A 1236 -12.28 -2.28 -23.45
C ILE A 1236 -12.91 -0.96 -23.90
N MET A 1237 -12.07 0.04 -24.18
CA MET A 1237 -12.54 1.39 -24.48
C MET A 1237 -11.75 1.97 -25.65
N VAL A 1238 -12.33 3.00 -26.25
CA VAL A 1238 -11.73 3.71 -27.39
C VAL A 1238 -12.04 5.20 -27.24
N LYS A 1239 -11.04 6.04 -27.48
CA LYS A 1239 -11.25 7.48 -27.48
C LYS A 1239 -11.75 7.94 -28.85
N ASP A 1240 -12.02 9.24 -28.98
CA ASP A 1240 -12.51 9.75 -30.25
C ASP A 1240 -11.41 9.75 -31.30
N ASP A 1241 -10.17 10.03 -30.89
CA ASP A 1241 -9.05 10.00 -31.83
C ASP A 1241 -8.62 8.60 -32.20
N GLY A 1242 -9.20 7.56 -31.58
CA GLY A 1242 -8.91 6.19 -31.92
C GLY A 1242 -8.01 5.46 -30.96
N GLN A 1243 -7.49 6.13 -29.93
CA GLN A 1243 -6.65 5.47 -28.95
C GLN A 1243 -7.45 4.44 -28.18
N LEU A 1244 -6.93 3.21 -28.12
CA LEU A 1244 -7.57 2.11 -27.42
C LEU A 1244 -6.88 1.89 -26.08
N PHE A 1245 -7.67 1.58 -25.05
CA PHE A 1245 -7.13 1.24 -23.75
C PHE A 1245 -8.11 0.32 -23.03
N HIS A 1246 -7.72 -0.11 -21.83
CA HIS A 1246 -8.47 -1.08 -21.05
C HIS A 1246 -8.77 -0.51 -19.67
N ILE A 1247 -9.78 -1.08 -19.02
CA ILE A 1247 -10.15 -0.75 -17.66
C ILE A 1247 -10.40 -2.05 -16.91
N ASP A 1248 -10.69 -1.94 -15.61
CA ASP A 1248 -10.90 -3.09 -14.73
C ASP A 1248 -9.68 -4.02 -14.76
N PHE A 1249 -8.60 -3.52 -14.15
CA PHE A 1249 -7.34 -4.23 -14.05
C PHE A 1249 -7.21 -5.09 -12.80
N GLY A 1250 -8.29 -5.24 -12.03
CA GLY A 1250 -8.21 -5.85 -10.72
C GLY A 1250 -7.76 -7.29 -10.66
N HIS A 1251 -7.54 -7.94 -11.81
CA HIS A 1251 -7.01 -9.29 -11.87
C HIS A 1251 -5.70 -9.31 -12.65
N PHE A 1252 -4.76 -10.16 -12.20
CA PHE A 1252 -3.52 -10.38 -12.94
C PHE A 1252 -2.96 -11.74 -12.58
N LEU A 1253 -1.98 -12.17 -13.38
CA LEU A 1253 -1.18 -13.38 -13.16
C LEU A 1253 -2.07 -14.63 -13.23
N ASP A 1254 -1.99 -15.55 -12.27
CA ASP A 1254 -2.45 -16.92 -12.39
C ASP A 1254 -3.89 -17.11 -11.93
N HIS A 1255 -4.62 -16.03 -11.66
CA HIS A 1255 -5.79 -16.06 -10.80
C HIS A 1255 -6.80 -17.15 -11.17
N LYS A 1256 -6.78 -17.66 -12.39
CA LYS A 1256 -7.65 -18.76 -12.77
C LYS A 1256 -7.10 -20.12 -12.39
N LYS A 1257 -5.95 -20.18 -11.70
CA LYS A 1257 -5.32 -21.45 -11.37
C LYS A 1257 -6.29 -22.42 -10.71
N LYS A 1258 -7.13 -21.93 -9.78
CA LYS A 1258 -8.15 -22.74 -9.13
C LYS A 1258 -9.48 -22.42 -9.77
N LYS A 1259 -10.00 -23.36 -10.56
CA LYS A 1259 -11.21 -23.18 -11.36
C LYS A 1259 -11.25 -24.24 -12.46
N GLU A 1265 -1.30 -21.31 -20.32
CA GLU A 1265 -2.19 -20.27 -19.83
C GLU A 1265 -3.02 -19.68 -20.97
N ARG A 1266 -3.34 -18.39 -20.90
CA ARG A 1266 -4.40 -17.80 -21.70
C ARG A 1266 -3.97 -16.47 -22.28
N VAL A 1267 -4.69 -16.05 -23.32
CA VAL A 1267 -4.56 -14.73 -23.93
C VAL A 1267 -5.80 -13.92 -23.53
N PRO A 1268 -5.70 -12.95 -22.61
CA PRO A 1268 -6.91 -12.24 -22.20
C PRO A 1268 -7.52 -11.38 -23.29
N PHE A 1269 -6.70 -10.67 -24.07
CA PHE A 1269 -7.18 -9.77 -25.11
C PHE A 1269 -7.14 -10.53 -26.43
N VAL A 1270 -8.32 -10.84 -26.97
CA VAL A 1270 -8.46 -11.60 -28.20
C VAL A 1270 -9.14 -10.69 -29.21
N LEU A 1271 -8.47 -10.45 -30.33
CA LEU A 1271 -8.99 -9.49 -31.29
C LEU A 1271 -10.17 -10.12 -32.04
N THR A 1272 -11.33 -9.48 -31.93
CA THR A 1272 -12.53 -9.94 -32.59
C THR A 1272 -12.60 -9.32 -33.98
N GLN A 1273 -13.68 -9.63 -34.71
CA GLN A 1273 -13.86 -9.09 -36.04
C GLN A 1273 -13.90 -7.57 -36.02
N ASP A 1274 -14.40 -6.99 -34.92
CA ASP A 1274 -14.54 -5.53 -34.85
C ASP A 1274 -13.17 -4.85 -34.92
N PHE A 1275 -12.20 -5.35 -34.16
CA PHE A 1275 -10.89 -4.69 -34.10
C PHE A 1275 -10.08 -4.95 -35.37
N LEU A 1276 -10.19 -6.16 -35.93
CA LEU A 1276 -9.45 -6.47 -37.15
C LEU A 1276 -9.93 -5.62 -38.32
N ILE A 1277 -11.20 -5.22 -38.32
CA ILE A 1277 -11.72 -4.36 -39.37
C ILE A 1277 -11.07 -2.99 -39.31
N VAL A 1278 -10.82 -2.49 -38.10
CA VAL A 1278 -10.21 -1.16 -37.96
C VAL A 1278 -8.75 -1.21 -38.39
N ILE A 1279 -8.01 -2.21 -37.91
CA ILE A 1279 -6.58 -2.31 -38.22
C ILE A 1279 -6.36 -2.40 -39.72
N SER A 1280 -7.19 -3.18 -40.42
CA SER A 1280 -7.06 -3.39 -41.85
C SER A 1280 -7.87 -2.38 -42.67
N LYS A 1281 -8.49 -1.40 -42.02
CA LYS A 1281 -9.18 -0.30 -42.71
C LYS A 1281 -10.39 -0.78 -43.52
N GLY A 1282 -11.10 -1.76 -42.99
CA GLY A 1282 -12.41 -2.10 -43.52
C GLY A 1282 -12.42 -3.08 -44.67
N ALA A 1283 -11.32 -3.78 -44.93
CA ALA A 1283 -11.29 -4.74 -46.03
C ALA A 1283 -11.87 -6.07 -45.60
N GLN A 1284 -11.93 -7.01 -46.55
CA GLN A 1284 -12.33 -8.38 -46.29
C GLN A 1284 -11.08 -9.26 -46.24
N GLU A 1285 -11.12 -10.28 -45.38
CA GLU A 1285 -9.94 -11.08 -45.06
C GLU A 1285 -8.84 -10.19 -44.49
N CYS A 1286 -9.13 -9.67 -43.29
CA CYS A 1286 -8.23 -8.74 -42.63
C CYS A 1286 -6.86 -9.35 -42.33
N THR A 1287 -6.79 -10.68 -42.23
CA THR A 1287 -5.52 -11.32 -41.88
C THR A 1287 -4.48 -11.12 -42.98
N LYS A 1288 -4.91 -11.12 -44.25
CA LYS A 1288 -3.98 -11.12 -45.37
C LYS A 1288 -3.50 -9.71 -45.75
N THR A 1289 -3.97 -8.68 -45.06
CA THR A 1289 -3.61 -7.31 -45.40
C THR A 1289 -2.23 -6.96 -44.86
N ARG A 1290 -1.58 -6.01 -45.54
CA ARG A 1290 -0.28 -5.53 -45.08
C ARG A 1290 -0.39 -4.72 -43.79
N GLU A 1291 -1.56 -4.15 -43.50
CA GLU A 1291 -1.73 -3.40 -42.26
C GLU A 1291 -1.76 -4.34 -41.05
N PHE A 1292 -2.33 -5.53 -41.21
CA PHE A 1292 -2.35 -6.49 -40.11
C PHE A 1292 -0.98 -7.13 -39.92
N GLU A 1293 -0.20 -7.25 -40.99
CA GLU A 1293 1.20 -7.67 -40.84
C GLU A 1293 1.98 -6.65 -40.03
N ARG A 1294 1.87 -5.37 -40.39
CA ARG A 1294 2.53 -4.32 -39.63
C ARG A 1294 2.04 -4.28 -38.19
N PHE A 1295 0.79 -4.66 -37.94
CA PHE A 1295 0.30 -4.75 -36.57
C PHE A 1295 1.02 -5.87 -35.81
N GLN A 1296 1.28 -6.99 -36.48
CA GLN A 1296 1.96 -8.10 -35.83
C GLN A 1296 3.41 -7.76 -35.53
N GLU A 1297 4.08 -7.04 -36.44
CA GLU A 1297 5.45 -6.62 -36.19
C GLU A 1297 5.54 -5.79 -34.91
N MET A 1298 4.61 -4.85 -34.73
CA MET A 1298 4.58 -4.04 -33.51
C MET A 1298 4.48 -4.94 -32.28
N CYS A 1299 3.60 -5.94 -32.33
CA CYS A 1299 3.46 -6.87 -31.21
C CYS A 1299 4.75 -7.62 -30.94
N TYR A 1300 5.34 -8.20 -31.98
CA TYR A 1300 6.58 -8.97 -31.80
C TYR A 1300 7.69 -8.10 -31.23
N LYS A 1301 7.86 -6.89 -31.76
CA LYS A 1301 8.94 -6.01 -31.27
C LYS A 1301 8.67 -5.55 -29.85
N ALA A 1302 7.41 -5.26 -29.53
CA ALA A 1302 7.08 -4.80 -28.18
C ALA A 1302 7.20 -5.92 -27.16
N TYR A 1303 6.96 -7.16 -27.56
CA TYR A 1303 7.13 -8.29 -26.64
C TYR A 1303 8.60 -8.52 -26.30
N LEU A 1304 9.48 -8.47 -27.31
CA LEU A 1304 10.90 -8.64 -27.06
C LEU A 1304 11.47 -7.51 -26.21
N ALA A 1305 10.94 -6.29 -26.37
CA ALA A 1305 11.42 -5.18 -25.56
C ALA A 1305 11.21 -5.43 -24.08
N ILE A 1306 10.05 -5.97 -23.71
CA ILE A 1306 9.77 -6.25 -22.31
C ILE A 1306 10.62 -7.42 -21.81
N ARG A 1307 10.83 -8.42 -22.66
CA ARG A 1307 11.65 -9.57 -22.27
C ARG A 1307 13.02 -9.13 -21.79
N GLN A 1308 13.64 -8.18 -22.49
CA GLN A 1308 14.97 -7.71 -22.09
C GLN A 1308 14.94 -7.05 -20.72
N HIS A 1309 13.84 -6.39 -20.37
CA HIS A 1309 13.67 -5.70 -19.10
C HIS A 1309 12.99 -6.56 -18.04
N ALA A 1310 12.79 -7.85 -18.31
CA ALA A 1310 12.01 -8.72 -17.44
C ALA A 1310 12.41 -8.58 -15.98
N ASN A 1311 13.71 -8.44 -15.70
CA ASN A 1311 14.19 -8.39 -14.32
C ASN A 1311 13.49 -7.28 -13.53
N LEU A 1312 13.22 -6.15 -14.18
CA LEU A 1312 12.61 -5.03 -13.47
C LEU A 1312 11.19 -5.36 -13.03
N PHE A 1313 10.41 -5.99 -13.91
CA PHE A 1313 9.01 -6.26 -13.57
C PHE A 1313 8.89 -7.38 -12.55
N ILE A 1314 9.75 -8.38 -12.62
CA ILE A 1314 9.74 -9.45 -11.62
C ILE A 1314 10.04 -8.88 -10.25
N ASN A 1315 10.96 -7.92 -10.16
CA ASN A 1315 11.23 -7.26 -8.89
C ASN A 1315 10.01 -6.50 -8.40
N LEU A 1316 9.35 -5.76 -9.29
CA LEU A 1316 8.21 -4.94 -8.88
C LEU A 1316 7.13 -5.80 -8.23
N PHE A 1317 6.89 -7.01 -8.76
CA PHE A 1317 5.94 -7.91 -8.13
C PHE A 1317 6.49 -8.46 -6.82
N SER A 1318 7.79 -8.73 -6.76
CA SER A 1318 8.37 -9.35 -5.57
C SER A 1318 8.28 -8.44 -4.35
N MET A 1319 8.40 -7.13 -4.54
CA MET A 1319 8.34 -6.21 -3.42
C MET A 1319 6.93 -6.05 -2.88
N MET A 1320 5.92 -6.53 -3.60
CA MET A 1320 4.52 -6.42 -3.19
C MET A 1320 4.00 -7.66 -2.47
N LEU A 1321 4.83 -8.68 -2.25
CA LEU A 1321 4.34 -9.93 -1.67
C LEU A 1321 3.79 -9.73 -0.27
N GLY A 1322 4.35 -8.79 0.50
CA GLY A 1322 3.94 -8.61 1.88
C GLY A 1322 2.51 -8.14 2.04
N SER A 1323 1.93 -7.53 1.02
CA SER A 1323 0.58 -7.02 1.11
C SER A 1323 -0.41 -8.18 1.08
N GLY A 1324 -1.70 -7.83 1.20
CA GLY A 1324 -2.75 -8.83 1.24
C GLY A 1324 -3.44 -9.01 -0.09
N MET A 1325 -2.75 -8.64 -1.18
CA MET A 1325 -3.36 -8.71 -2.49
C MET A 1325 -3.78 -10.16 -2.77
N PRO A 1326 -5.05 -10.41 -3.08
CA PRO A 1326 -5.51 -11.81 -3.14
C PRO A 1326 -4.76 -12.67 -4.16
N GLU A 1327 -4.42 -12.09 -5.32
CA GLU A 1327 -3.85 -12.85 -6.41
C GLU A 1327 -2.32 -12.82 -6.45
N LEU A 1328 -1.68 -12.05 -5.55
CA LEU A 1328 -0.24 -12.12 -5.34
C LEU A 1328 -0.01 -12.63 -3.93
N GLN A 1329 0.46 -13.87 -3.81
CA GLN A 1329 0.53 -14.55 -2.51
C GLN A 1329 1.91 -15.12 -2.27
N SER A 1330 2.33 -16.08 -3.10
CA SER A 1330 3.64 -16.69 -3.02
C SER A 1330 4.46 -16.29 -4.24
N PHE A 1331 5.71 -16.78 -4.27
CA PHE A 1331 6.55 -16.53 -5.44
C PHE A 1331 6.09 -17.32 -6.65
N ASP A 1332 5.38 -18.43 -6.44
CA ASP A 1332 4.85 -19.20 -7.55
C ASP A 1332 3.83 -18.42 -8.36
N ASP A 1333 3.19 -17.41 -7.75
CA ASP A 1333 2.30 -16.54 -8.50
C ASP A 1333 3.08 -15.64 -9.46
N ILE A 1334 4.26 -15.19 -9.03
CA ILE A 1334 5.07 -14.33 -9.89
C ILE A 1334 5.63 -15.12 -11.07
N ALA A 1335 5.81 -16.44 -10.90
CA ALA A 1335 6.37 -17.25 -11.97
C ALA A 1335 5.51 -17.26 -13.22
N TYR A 1336 4.26 -16.79 -13.14
CA TYR A 1336 3.45 -16.64 -14.34
C TYR A 1336 4.13 -15.74 -15.36
N ILE A 1337 4.79 -14.68 -14.88
CA ILE A 1337 5.46 -13.76 -15.80
C ILE A 1337 6.69 -14.41 -16.41
N ARG A 1338 7.36 -15.31 -15.67
CA ARG A 1338 8.48 -16.04 -16.25
C ARG A 1338 8.02 -16.89 -17.43
N LYS A 1339 6.82 -17.46 -17.34
CA LYS A 1339 6.32 -18.32 -18.42
C LYS A 1339 5.85 -17.50 -19.60
N THR A 1340 5.14 -16.40 -19.37
CA THR A 1340 4.62 -15.60 -20.48
C THR A 1340 5.74 -14.89 -21.22
N LEU A 1341 6.85 -14.59 -20.54
CA LEU A 1341 8.02 -14.01 -21.19
C LEU A 1341 9.01 -15.06 -21.66
N ALA A 1342 8.81 -16.33 -21.30
CA ALA A 1342 9.66 -17.43 -21.76
C ALA A 1342 11.14 -17.16 -21.45
N LEU A 1343 11.40 -16.82 -20.19
CA LEU A 1343 12.75 -16.40 -19.80
C LEU A 1343 13.75 -17.53 -19.92
N ASP A 1344 13.40 -18.72 -19.41
CA ASP A 1344 14.31 -19.86 -19.47
C ASP A 1344 14.57 -20.33 -20.89
N LYS A 1345 13.81 -19.83 -21.87
CA LYS A 1345 14.03 -20.10 -23.28
C LYS A 1345 14.96 -19.03 -23.85
N THR A 1346 15.08 -18.98 -25.17
CA THR A 1346 15.93 -18.02 -25.86
C THR A 1346 15.08 -17.15 -26.80
N GLU A 1347 15.65 -16.01 -27.19
CA GLU A 1347 14.91 -14.98 -27.90
C GLU A 1347 14.17 -15.54 -29.11
N GLN A 1348 14.87 -16.32 -29.94
CA GLN A 1348 14.22 -16.92 -31.10
C GLN A 1348 13.05 -17.80 -30.68
N GLU A 1349 13.24 -18.62 -29.64
CA GLU A 1349 12.19 -19.53 -29.19
C GLU A 1349 11.08 -18.78 -28.47
N ALA A 1350 11.41 -17.68 -27.78
CA ALA A 1350 10.40 -16.93 -27.04
C ALA A 1350 9.45 -16.19 -27.97
N LEU A 1351 9.95 -15.70 -29.10
CA LEU A 1351 9.06 -15.09 -30.08
C LEU A 1351 8.15 -16.13 -30.71
N GLU A 1352 8.69 -17.31 -31.04
CA GLU A 1352 7.87 -18.41 -31.51
C GLU A 1352 6.83 -18.82 -30.49
N TYR A 1353 7.16 -18.70 -29.19
CA TYR A 1353 6.19 -19.01 -28.15
C TYR A 1353 5.02 -18.03 -28.20
N PHE A 1354 5.31 -16.73 -28.32
CA PHE A 1354 4.24 -15.73 -28.33
C PHE A 1354 3.31 -15.95 -29.51
N MET A 1355 3.85 -16.26 -30.69
CA MET A 1355 3.02 -16.49 -31.86
C MET A 1355 2.05 -17.64 -31.65
N LYS A 1356 2.54 -18.75 -31.08
CA LYS A 1356 1.69 -19.92 -30.90
C LYS A 1356 0.56 -19.65 -29.92
N GLN A 1357 0.80 -18.81 -28.92
CA GLN A 1357 -0.28 -18.45 -27.99
C GLN A 1357 -1.34 -17.59 -28.68
N MET A 1358 -0.90 -16.62 -29.49
CA MET A 1358 -1.86 -15.81 -30.24
C MET A 1358 -2.61 -16.66 -31.26
N ASN A 1359 -1.93 -17.60 -31.89
CA ASN A 1359 -2.57 -18.45 -32.89
C ASN A 1359 -3.69 -19.28 -32.26
N ASP A 1360 -3.38 -19.99 -31.17
CA ASP A 1360 -4.39 -20.84 -30.53
C ASP A 1360 -5.60 -20.05 -30.07
N ALA A 1361 -5.40 -18.80 -29.63
CA ALA A 1361 -6.50 -18.00 -29.14
C ALA A 1361 -7.35 -17.45 -30.27
N HIS A 1362 -6.73 -17.11 -31.40
CA HIS A 1362 -7.43 -16.56 -32.56
C HIS A 1362 -7.80 -17.62 -33.60
N HIS A 1363 -7.42 -18.88 -33.39
CA HIS A 1363 -7.65 -19.95 -34.35
C HIS A 1363 -7.10 -19.57 -35.73
N GLY A 1364 -5.78 -19.49 -35.78
CA GLY A 1364 -5.09 -19.14 -37.01
C GLY A 1364 -4.85 -17.64 -37.14
N GLY A 1365 -4.05 -17.29 -38.16
CA GLY A 1365 -3.77 -15.91 -38.50
C GLY A 1365 -2.37 -15.43 -38.14
N TRP A 1366 -1.59 -16.23 -37.42
CA TRP A 1366 -0.25 -15.84 -36.99
C TRP A 1366 0.75 -16.88 -37.50
N THR A 1367 1.68 -16.43 -38.34
CA THR A 1367 2.68 -17.33 -38.93
C THR A 1367 3.80 -16.51 -39.56
C10 4EL B . -17.46 2.49 -18.18
C15 4EL B . -16.53 -1.51 -16.46
C17 4EL B . -16.66 -0.98 -14.13
C24 4EL B . -13.85 0.05 -12.98
C28 4EL B . -11.41 2.72 -14.80
C01 4EL B . -11.27 5.24 -16.76
O02 4EL B . -12.11 5.88 -17.68
C03 4EL B . -13.41 5.34 -17.77
C04 4EL B . -13.67 4.11 -17.19
C05 4EL B . -14.96 3.60 -17.29
C06 4EL B . -15.92 4.34 -17.97
C07 4EL B . -15.58 5.56 -18.52
N08 4EL B . -14.34 6.02 -18.41
C09 4EL B . -17.22 3.85 -18.08
C11 4EL B . -18.76 2.02 -18.28
C12 4EL B . -19.04 0.52 -18.40
N13 4EL B . -17.86 -0.26 -18.11
C14 4EL B . -17.45 -0.51 -16.74
C16 4EL B . -16.12 -1.74 -15.16
C18 4EL B . -17.58 0.02 -14.40
C19 4EL B . -17.98 0.25 -15.70
S20 4EL B . -16.11 -1.30 -12.42
O21 4EL B . -16.54 -2.63 -11.97
O22 4EL B . -16.80 -0.42 -11.46
N23 4EL B . -14.43 -1.10 -12.30
N25 4EL B . -14.49 1.14 -13.35
N26 4EL B . -13.74 2.09 -13.96
C27 4EL B . -12.45 1.82 -14.13
S29 4EL B . -12.20 0.26 -13.45
C30 4EL B . -19.82 2.90 -18.27
C31 4EL B . -19.58 4.26 -18.16
C32 4EL B . -18.28 4.74 -18.06
C33 4EL B . -20.76 5.22 -18.15
O34 4EL B . -21.74 4.99 -17.40
O35 4EL B . -20.74 6.24 -18.89
C10 4EL C . 35.01 -17.73 23.37
C15 4EL C . 33.18 -21.57 25.10
C17 4EL C . 35.05 -23.02 24.69
C24 4EL C . 35.01 -25.27 21.85
C28 4EL C . 34.56 -24.64 17.87
C01 4EL C . 36.70 -17.99 16.36
O02 4EL C . 35.62 -18.50 17.10
C03 4EL C . 35.61 -18.12 18.44
C04 4EL C . 34.41 -18.11 19.13
C05 4EL C . 34.42 -17.73 20.46
C06 4EL C . 35.62 -17.39 21.05
C07 4EL C . 36.78 -17.42 20.30
N08 4EL C . 36.75 -17.79 19.03
C09 4EL C . 35.66 -16.99 22.39
C11 4EL C . 35.07 -17.32 24.70
C12 4EL C . 34.36 -18.12 25.79
N13 4EL C . 33.50 -19.14 25.23
C14 4EL C . 34.02 -20.47 25.05
C16 4EL C . 33.69 -22.85 24.92
C18 4EL C . 35.89 -21.93 24.62
C19 4EL C . 35.38 -20.65 24.80
S20 4EL C . 35.73 -24.69 24.45
O21 4EL C . 35.78 -25.42 25.72
O22 4EL C . 37.15 -24.64 24.09
N23 4EL C . 34.81 -25.53 23.27
N25 4EL C . 36.17 -25.06 21.24
N26 4EL C . 36.10 -24.84 19.90
C27 4EL C . 34.90 -24.85 19.34
S29 4EL C . 33.80 -25.17 20.63
C30 4EL C . 35.76 -16.17 25.04
C31 4EL C . 36.40 -15.44 24.05
C32 4EL C . 36.35 -15.85 22.73
C33 4EL C . 37.17 -14.17 24.43
O34 4EL C . 37.61 -14.03 25.60
O35 4EL C . 37.37 -13.27 23.56
C10 4EL D . 38.31 -20.88 19.17
C15 4EL D . 40.67 -17.93 16.90
C17 4EL D . 39.85 -15.71 17.24
C24 4EL D . 36.58 -14.28 17.37
C28 4EL D . 33.50 -14.57 19.99
C01 4EL D . 31.27 -21.28 20.39
O02 4EL D . 32.41 -21.25 21.19
C03 4EL D . 33.61 -21.28 20.47
C04 4EL D . 33.59 -21.33 19.09
C05 4EL D . 34.78 -21.36 18.40
C06 4EL D . 35.96 -21.33 19.13
C07 4EL D . 35.91 -21.27 20.52
N08 4EL D . 34.76 -21.25 21.14
C09 4EL D . 37.20 -21.35 18.50
C11 4EL D . 39.56 -20.89 18.55
C12 4EL D . 40.74 -20.36 19.36
N13 4EL D . 41.50 -19.30 18.74
C14 4EL D . 40.93 -18.06 18.25
C16 4EL D . 40.14 -16.75 16.39
C18 4EL D . 40.09 -15.82 18.61
C19 4EL D . 40.64 -17.00 19.11
S20 4EL D . 39.14 -14.19 16.53
O21 4EL D . 39.85 -13.78 15.31
O22 4EL D . 39.38 -13.02 17.39
N23 4EL D . 37.47 -14.38 16.23
N25 4EL D . 36.83 -13.66 18.50
N26 4EL D . 35.84 -13.70 19.44
C27 4EL D . 34.75 -14.37 19.12
S29 4EL D . 35.00 -14.96 17.52
C30 4EL D . 39.69 -21.39 17.26
C31 4EL D . 38.56 -21.86 16.60
C32 4EL D . 37.32 -21.85 17.21
C33 4EL D . 38.65 -22.42 15.18
O34 4EL D . 39.33 -21.83 14.30
O35 4EL D . 38.02 -23.48 14.87
#